data_8ZN0
#
_entry.id   8ZN0
#
_cell.length_a   66.346
_cell.length_b   66.346
_cell.length_c   167.429
_cell.angle_alpha   90.000
_cell.angle_beta   90.000
_cell.angle_gamma   90.000
#
_symmetry.space_group_name_H-M   'P 43'
#
loop_
_entity.id
_entity.type
_entity.pdbx_description
1 polymer PaOMT9
2 non-polymer S-ADENOSYLMETHIONINE
3 non-polymer (1~{S})-1-[(4-hydroxyphenyl)methyl]-6-methoxy-1,2,3,4-tetrahydroisoquinolin-7-ol
4 water water
#
_entity_poly.entity_id   1
_entity_poly.type   'polypeptide(L)'
_entity_poly.pdbx_seq_one_letter_code
;MACSAEKQPKPSKQEEEETYSYAMQLASAIVFPAVLQAVIELDVFEIINKAGPGAKLSASEIVAQFPTKNPEAAATMLDR
VLRLLVSYNVLYCSLVAGVRLYSLAPVSKYYVRNQNGVSLRPFMNFHLDKALMPCWFRLKEQILEGGSAFHKVHGINFYD
YLGTDSRLNEAFNIAMFSQSSIVMDKIIESYKGFDHVNQLVEVGGGLGITLSMIISKYPHIKGINLELPHVIQDAPSYPG
VKHVGGDMFERIPEGDTILMKWVFIGFDDDQCLRLLRNCYNALPVDGKVLVIDTLLPEVPENSSASRETSNMEAIGLTLV
VQGKLRTKQELKALAIEAGFKTINFEYCACNLYVTEFYK
;
_entity_poly.pdbx_strand_id   A,B
#
# COMPACT_ATOMS: atom_id res chain seq x y z
N PRO A 11 -18.63 18.62 -2.01
CA PRO A 11 -18.27 20.03 -1.93
C PRO A 11 -17.02 20.33 -2.78
N SER A 12 -17.12 21.36 -3.63
CA SER A 12 -16.03 21.83 -4.49
C SER A 12 -15.66 20.82 -5.57
N LYS A 13 -15.44 21.29 -6.80
CA LYS A 13 -15.08 20.40 -7.89
C LYS A 13 -13.64 19.96 -7.81
N GLN A 14 -12.74 20.83 -7.34
CA GLN A 14 -11.37 20.42 -7.07
C GLN A 14 -11.34 19.32 -6.02
N GLU A 15 -12.06 19.50 -4.91
CA GLU A 15 -12.06 18.50 -3.85
C GLU A 15 -12.72 17.21 -4.30
N GLU A 16 -13.81 17.30 -5.08
CA GLU A 16 -14.49 16.09 -5.54
C GLU A 16 -13.62 15.30 -6.51
N GLU A 17 -12.79 15.98 -7.31
CA GLU A 17 -11.85 15.27 -8.17
C GLU A 17 -10.72 14.63 -7.37
N GLU A 18 -10.18 15.35 -6.37
CA GLU A 18 -9.19 14.77 -5.48
C GLU A 18 -9.73 13.51 -4.81
N THR A 19 -10.98 13.53 -4.35
CA THR A 19 -11.56 12.36 -3.72
C THR A 19 -11.70 11.19 -4.68
N TYR A 20 -12.12 11.47 -5.93
CA TYR A 20 -12.23 10.38 -6.90
C TYR A 20 -10.88 9.72 -7.11
N SER A 21 -9.83 10.53 -7.26
CA SER A 21 -8.50 9.99 -7.54
C SER A 21 -7.96 9.20 -6.37
N TYR A 22 -8.12 9.71 -5.14
CA TYR A 22 -7.75 8.94 -3.96
C TYR A 22 -8.47 7.59 -3.94
N ALA A 23 -9.78 7.60 -4.21
CA ALA A 23 -10.52 6.33 -4.28
C ALA A 23 -9.89 5.37 -5.27
N MET A 24 -9.46 5.89 -6.43
CA MET A 24 -8.78 5.05 -7.42
C MET A 24 -7.41 4.61 -6.93
N GLN A 25 -6.64 5.54 -6.34
CA GLN A 25 -5.39 5.19 -5.67
C GLN A 25 -5.57 4.02 -4.71
N LEU A 26 -6.64 4.05 -3.89
CA LEU A 26 -6.87 2.97 -2.95
C LEU A 26 -7.20 1.66 -3.63
N ALA A 27 -7.90 1.69 -4.77
CA ALA A 27 -8.26 0.46 -5.43
C ALA A 27 -7.05 -0.37 -5.85
N SER A 28 -5.90 0.28 -6.08
CA SER A 28 -4.69 -0.43 -6.50
C SER A 28 -3.49 -0.15 -5.58
N ALA A 29 -3.74 0.07 -4.28
CA ALA A 29 -2.65 0.36 -3.35
C ALA A 29 -1.76 -0.85 -3.07
N ILE A 30 -2.17 -2.05 -3.51
CA ILE A 30 -1.32 -3.23 -3.41
C ILE A 30 -0.07 -3.09 -4.29
N VAL A 31 -0.11 -2.22 -5.30
CA VAL A 31 1.03 -2.16 -6.20
C VAL A 31 2.16 -1.34 -5.57
N PHE A 32 1.84 -0.36 -4.74
CA PHE A 32 2.89 0.47 -4.15
C PHE A 32 3.95 -0.32 -3.39
N PRO A 33 3.60 -1.26 -2.49
CA PRO A 33 4.66 -2.08 -1.87
C PRO A 33 5.47 -2.88 -2.89
N ALA A 34 4.80 -3.38 -3.93
CA ALA A 34 5.47 -4.21 -4.92
C ALA A 34 6.46 -3.39 -5.74
N VAL A 35 6.12 -2.14 -6.02
CA VAL A 35 7.01 -1.26 -6.77
C VAL A 35 8.15 -0.76 -5.91
N LEU A 36 7.83 -0.31 -4.69
CA LEU A 36 8.86 0.14 -3.76
C LEU A 36 9.89 -0.96 -3.49
N GLN A 37 9.43 -2.20 -3.31
CA GLN A 37 10.37 -3.28 -3.04
C GLN A 37 11.23 -3.60 -4.25
N ALA A 38 10.64 -3.56 -5.47
CA ALA A 38 11.42 -3.91 -6.65
C ALA A 38 12.50 -2.87 -6.94
N VAL A 39 12.19 -1.59 -6.79
CA VAL A 39 13.17 -0.53 -7.01
C VAL A 39 14.28 -0.63 -5.98
N ILE A 40 13.89 -0.77 -4.71
CA ILE A 40 14.85 -0.88 -3.63
C ILE A 40 15.76 -2.08 -3.83
N GLU A 41 15.19 -3.22 -4.20
CA GLU A 41 15.99 -4.43 -4.38
C GLU A 41 16.71 -4.49 -5.73
N LEU A 42 16.48 -3.55 -6.63
CA LEU A 42 17.30 -3.37 -7.82
C LEU A 42 18.53 -2.52 -7.53
N ASP A 43 18.73 -2.18 -6.26
CA ASP A 43 19.82 -1.35 -5.75
C ASP A 43 19.78 0.07 -6.29
N VAL A 44 18.59 0.55 -6.66
CA VAL A 44 18.50 1.87 -7.31
C VAL A 44 18.91 2.97 -6.35
N PHE A 45 18.55 2.85 -5.07
CA PHE A 45 18.89 3.91 -4.11
C PHE A 45 20.39 3.90 -3.79
N GLU A 46 20.99 2.71 -3.76
CA GLU A 46 22.44 2.61 -3.66
C GLU A 46 23.15 3.28 -4.83
N ILE A 47 22.61 3.09 -6.05
CA ILE A 47 23.26 3.60 -7.25
C ILE A 47 23.19 5.12 -7.29
N ILE A 48 22.03 5.69 -7.02
CA ILE A 48 21.89 7.15 -6.95
C ILE A 48 22.74 7.70 -5.81
N ASN A 49 22.83 6.98 -4.70
CA ASN A 49 23.57 7.50 -3.57
C ASN A 49 25.06 7.52 -3.87
N LYS A 50 25.59 6.38 -4.32
CA LYS A 50 27.01 6.25 -4.63
C LYS A 50 27.47 7.28 -5.64
N ALA A 51 26.60 7.68 -6.57
CA ALA A 51 26.95 8.67 -7.58
C ALA A 51 27.36 10.01 -6.97
N GLY A 52 27.11 10.23 -5.68
CA GLY A 52 27.58 11.44 -5.04
C GLY A 52 26.50 12.22 -4.33
N PRO A 53 26.90 13.19 -3.51
CA PRO A 53 25.93 13.93 -2.70
C PRO A 53 24.96 14.70 -3.57
N GLY A 54 23.67 14.37 -3.43
CA GLY A 54 22.65 15.04 -4.19
C GLY A 54 22.68 14.74 -5.68
N ALA A 55 23.05 13.53 -6.05
CA ALA A 55 23.19 13.15 -7.45
C ALA A 55 21.82 12.99 -8.10
N LYS A 56 21.76 13.25 -9.41
CA LYS A 56 20.55 13.13 -10.22
C LYS A 56 20.84 12.20 -11.38
N LEU A 57 20.21 11.03 -11.40
CA LEU A 57 20.51 10.01 -12.39
C LEU A 57 19.27 9.68 -13.19
N SER A 58 19.46 9.54 -14.51
CA SER A 58 18.37 9.13 -15.38
C SER A 58 18.13 7.64 -15.25
N ALA A 59 16.96 7.19 -15.70
CA ALA A 59 16.66 5.76 -15.67
C ALA A 59 17.62 4.98 -16.56
N SER A 60 18.08 5.59 -17.66
CA SER A 60 19.08 4.96 -18.52
C SER A 60 20.41 4.80 -17.79
N GLU A 61 20.80 5.81 -17.02
CA GLU A 61 22.04 5.77 -16.24
C GLU A 61 21.98 4.68 -15.18
N ILE A 62 20.87 4.62 -14.44
CA ILE A 62 20.73 3.62 -13.38
C ILE A 62 20.78 2.21 -13.94
N VAL A 63 20.12 1.97 -15.09
CA VAL A 63 20.07 0.65 -15.71
C VAL A 63 21.44 0.15 -16.19
N ALA A 64 22.37 1.07 -16.47
CA ALA A 64 23.73 0.68 -16.82
C ALA A 64 24.37 -0.21 -15.77
N GLN A 65 23.91 -0.12 -14.50
CA GLN A 65 24.46 -0.89 -13.39
C GLN A 65 23.64 -2.14 -13.05
N PHE A 66 22.51 -2.49 -13.90
CA PHE A 66 21.73 -3.71 -13.67
C PHE A 66 22.33 -4.89 -14.42
N PRO A 67 22.13 -6.09 -13.91
CA PRO A 67 22.48 -7.31 -14.66
C PRO A 67 21.38 -7.71 -15.63
N THR A 68 21.25 -6.93 -16.72
CA THR A 68 20.18 -7.14 -17.68
C THR A 68 20.73 -7.29 -19.10
N LYS A 69 20.16 -8.22 -19.84
CA LYS A 69 20.48 -8.42 -21.25
C LYS A 69 19.67 -7.51 -22.17
N ASN A 70 18.67 -6.79 -21.67
CA ASN A 70 17.91 -5.83 -22.47
C ASN A 70 17.80 -4.53 -21.70
N PRO A 71 18.86 -3.74 -21.65
CA PRO A 71 18.79 -2.46 -20.92
C PRO A 71 17.83 -1.46 -21.54
N GLU A 72 17.40 -1.65 -22.78
CA GLU A 72 16.46 -0.72 -23.38
C GLU A 72 15.08 -0.84 -22.73
N ALA A 73 14.58 -2.07 -22.62
CA ALA A 73 13.29 -2.32 -21.98
C ALA A 73 13.35 -2.00 -20.49
N ALA A 74 14.43 -2.42 -19.81
CA ALA A 74 14.58 -2.14 -18.38
C ALA A 74 14.50 -0.65 -18.08
N ALA A 75 15.10 0.19 -18.93
CA ALA A 75 15.12 1.63 -18.68
C ALA A 75 13.75 2.26 -18.90
N THR A 76 12.97 1.74 -19.86
CA THR A 76 11.62 2.29 -20.05
C THR A 76 10.70 1.82 -18.95
N MET A 77 10.84 0.56 -18.53
CA MET A 77 10.10 0.05 -17.37
C MET A 77 10.45 0.80 -16.10
N LEU A 78 11.75 0.93 -15.81
CA LEU A 78 12.21 1.58 -14.57
C LEU A 78 11.76 3.02 -14.51
N ASP A 79 11.79 3.74 -15.64
CA ASP A 79 11.36 5.13 -15.61
C ASP A 79 9.89 5.27 -15.19
N ARG A 80 9.07 4.26 -15.45
CA ARG A 80 7.66 4.35 -15.04
C ARG A 80 7.55 4.28 -13.52
N VAL A 81 8.19 3.29 -12.90
CA VAL A 81 8.07 3.11 -11.46
C VAL A 81 8.84 4.17 -10.69
N LEU A 82 9.87 4.76 -11.29
CA LEU A 82 10.53 5.89 -10.65
C LEU A 82 9.66 7.13 -10.67
N ARG A 83 8.89 7.32 -11.74
CA ARG A 83 7.87 8.38 -11.72
C ARG A 83 6.82 8.09 -10.66
N LEU A 84 6.51 6.81 -10.44
CA LEU A 84 5.60 6.43 -9.35
C LEU A 84 6.15 6.86 -8.00
N LEU A 85 7.43 6.55 -7.73
CA LEU A 85 8.01 6.93 -6.44
C LEU A 85 8.07 8.44 -6.28
N VAL A 86 8.15 9.19 -7.38
CA VAL A 86 8.11 10.65 -7.27
C VAL A 86 6.72 11.11 -6.81
N SER A 87 5.66 10.49 -7.34
CA SER A 87 4.34 10.98 -6.95
C SER A 87 3.96 10.55 -5.53
N TYR A 88 4.67 9.58 -4.96
CA TYR A 88 4.52 9.18 -3.57
C TYR A 88 5.58 9.80 -2.65
N ASN A 89 6.29 10.83 -3.11
CA ASN A 89 7.26 11.59 -2.31
C ASN A 89 8.44 10.77 -1.81
N VAL A 90 8.76 9.66 -2.49
CA VAL A 90 9.96 8.90 -2.16
C VAL A 90 11.19 9.37 -2.97
N LEU A 91 10.98 9.96 -4.17
CA LEU A 91 12.07 10.47 -4.99
C LEU A 91 11.71 11.84 -5.51
N TYR A 92 12.76 12.61 -5.85
CA TYR A 92 12.64 13.87 -6.57
C TYR A 92 12.96 13.66 -8.05
N CYS A 93 12.54 14.61 -8.87
CA CYS A 93 12.68 14.52 -10.31
C CYS A 93 13.11 15.86 -10.85
N SER A 94 14.05 15.83 -11.79
CA SER A 94 14.51 17.02 -12.49
C SER A 94 14.53 16.72 -13.98
N LEU A 95 14.27 17.73 -14.80
CA LEU A 95 14.18 17.55 -16.25
C LEU A 95 15.36 18.22 -16.95
N VAL A 96 16.11 17.42 -17.70
CA VAL A 96 17.20 17.89 -18.56
C VAL A 96 16.89 17.43 -19.98
N ALA A 97 16.41 18.38 -20.80
CA ALA A 97 16.04 18.13 -22.21
C ALA A 97 15.02 17.01 -22.33
N GLY A 98 13.92 17.13 -21.58
CA GLY A 98 12.88 16.12 -21.58
C GLY A 98 13.28 14.78 -21.01
N VAL A 99 14.48 14.64 -20.44
CA VAL A 99 14.90 13.42 -19.76
C VAL A 99 14.75 13.63 -18.26
N ARG A 100 14.21 12.64 -17.57
CA ARG A 100 13.94 12.74 -16.14
C ARG A 100 15.10 12.20 -15.33
N LEU A 101 15.59 13.03 -14.41
CA LEU A 101 16.74 12.72 -13.54
C LEU A 101 16.28 12.66 -12.09
N TYR A 102 16.51 11.52 -11.45
CA TYR A 102 15.95 11.27 -10.13
C TYR A 102 17.01 11.38 -9.03
N SER A 103 16.65 12.06 -7.95
CA SER A 103 17.46 12.11 -6.75
C SER A 103 16.68 11.60 -5.54
N LEU A 104 17.44 11.22 -4.52
CA LEU A 104 16.87 10.71 -3.28
C LEU A 104 16.13 11.80 -2.54
N ALA A 105 14.90 11.52 -2.16
CA ALA A 105 14.17 12.41 -1.27
C ALA A 105 14.42 11.99 0.18
N PRO A 106 14.15 12.87 1.15
CA PRO A 106 14.47 12.58 2.57
C PRO A 106 14.12 11.16 3.04
N VAL A 107 12.87 10.73 2.81
CA VAL A 107 12.46 9.41 3.28
C VAL A 107 13.22 8.27 2.61
N SER A 108 13.81 8.48 1.42
CA SER A 108 14.55 7.39 0.78
C SER A 108 15.85 7.07 1.49
N LYS A 109 16.49 8.08 2.08
CA LYS A 109 17.74 7.87 2.82
C LYS A 109 17.61 6.82 3.92
N TYR A 110 16.40 6.57 4.44
CA TYR A 110 16.23 5.47 5.39
C TYR A 110 16.34 4.11 4.75
N TYR A 111 16.39 4.01 3.42
CA TYR A 111 16.59 2.74 2.76
C TYR A 111 17.91 2.68 1.97
N VAL A 112 18.80 3.64 2.19
CA VAL A 112 20.18 3.61 1.70
C VAL A 112 21.09 3.10 2.81
N ARG A 113 21.85 2.06 2.53
CA ARG A 113 22.81 1.54 3.51
C ARG A 113 23.72 2.64 4.06
N ASN A 114 23.84 2.68 5.39
CA ASN A 114 24.70 3.66 6.06
C ASN A 114 26.12 3.09 6.20
N GLN A 115 26.93 3.70 7.08
CA GLN A 115 28.34 3.35 7.20
C GLN A 115 28.54 1.85 7.43
N ASN A 116 27.69 1.24 8.24
CA ASN A 116 27.79 -0.17 8.58
C ASN A 116 27.01 -1.09 7.64
N GLY A 117 26.31 -0.53 6.65
CA GLY A 117 25.49 -1.35 5.76
C GLY A 117 24.11 -1.62 6.31
N VAL A 118 23.55 -0.68 7.06
CA VAL A 118 22.26 -0.86 7.74
C VAL A 118 21.27 0.13 7.15
N SER A 119 20.05 -0.35 6.93
CA SER A 119 18.94 0.49 6.51
C SER A 119 17.65 -0.20 6.92
N LEU A 120 16.52 0.42 6.62
CA LEU A 120 15.23 -0.22 6.84
C LEU A 120 14.87 -1.26 5.79
N ARG A 121 15.76 -1.57 4.82
CA ARG A 121 15.47 -2.58 3.80
C ARG A 121 15.06 -3.93 4.37
N PRO A 122 15.79 -4.56 5.29
CA PRO A 122 15.35 -5.87 5.78
C PRO A 122 14.12 -5.78 6.66
N PHE A 123 13.79 -4.58 7.13
CA PHE A 123 12.56 -4.34 7.87
C PHE A 123 11.34 -4.38 6.94
N MET A 124 11.37 -3.58 5.86
CA MET A 124 10.34 -3.64 4.83
C MET A 124 10.21 -5.03 4.21
N ASN A 125 11.34 -5.68 3.91
CA ASN A 125 11.29 -6.98 3.26
C ASN A 125 10.72 -8.07 4.16
N PHE A 126 10.68 -7.84 5.47
CA PHE A 126 10.14 -8.85 6.38
C PHE A 126 8.63 -8.96 6.22
N HIS A 127 7.96 -7.82 6.13
CA HIS A 127 6.51 -7.77 5.94
C HIS A 127 6.08 -8.33 4.58
N LEU A 128 6.99 -8.35 3.59
CA LEU A 128 6.72 -8.89 2.27
C LEU A 128 7.18 -10.33 2.12
N ASP A 129 7.60 -10.96 3.21
CA ASP A 129 8.05 -12.33 3.16
C ASP A 129 6.92 -13.27 2.76
N LYS A 130 7.28 -14.36 2.09
CA LYS A 130 6.30 -15.36 1.68
C LYS A 130 5.64 -16.03 2.88
N ALA A 131 6.30 -16.02 4.04
CA ALA A 131 5.70 -16.60 5.24
C ALA A 131 4.68 -15.67 5.87
N LEU A 132 4.72 -14.38 5.55
CA LEU A 132 3.85 -13.40 6.17
C LEU A 132 2.77 -12.85 5.25
N MET A 133 3.01 -12.84 3.94
CA MET A 133 2.03 -12.31 2.99
C MET A 133 0.64 -12.93 3.08
N PRO A 134 0.48 -14.25 3.20
CA PRO A 134 -0.89 -14.81 3.28
C PRO A 134 -1.57 -14.47 4.59
N CYS A 135 -0.78 -14.11 5.62
CA CYS A 135 -1.33 -13.78 6.92
C CYS A 135 -2.06 -12.45 6.92
N TRP A 136 -1.55 -11.47 6.15
CA TRP A 136 -2.18 -10.15 6.18
C TRP A 136 -3.60 -10.20 5.66
N PHE A 137 -3.91 -11.18 4.82
CA PHE A 137 -5.15 -11.19 4.06
C PHE A 137 -6.15 -12.17 4.62
N ARG A 138 -5.93 -12.65 5.85
CA ARG A 138 -6.88 -13.44 6.61
C ARG A 138 -7.42 -12.67 7.81
N LEU A 139 -7.41 -11.34 7.75
CA LEU A 139 -7.89 -10.54 8.87
C LEU A 139 -9.41 -10.60 9.01
N LYS A 140 -10.12 -10.68 7.88
CA LYS A 140 -11.57 -10.81 7.92
C LYS A 140 -11.99 -12.09 8.66
N GLU A 141 -11.35 -13.20 8.33
CA GLU A 141 -11.61 -14.45 9.04
C GLU A 141 -11.24 -14.35 10.51
N GLN A 142 -10.18 -13.61 10.84
CA GLN A 142 -9.74 -13.52 12.22
C GLN A 142 -10.71 -12.70 13.05
N ILE A 143 -11.20 -11.59 12.50
CA ILE A 143 -12.18 -10.77 13.22
C ILE A 143 -13.45 -11.58 13.50
N LEU A 144 -13.88 -12.40 12.52
CA LEU A 144 -15.11 -13.17 12.66
C LEU A 144 -14.94 -14.41 13.52
N GLU A 145 -13.79 -15.06 13.48
CA GLU A 145 -13.60 -16.33 14.18
C GLU A 145 -12.63 -16.27 15.33
N GLY A 146 -12.07 -15.10 15.65
CA GLY A 146 -11.08 -15.01 16.70
C GLY A 146 -9.81 -15.78 16.38
N GLY A 147 -8.86 -15.78 17.30
CA GLY A 147 -7.60 -16.42 17.02
C GLY A 147 -6.63 -15.46 16.35
N SER A 148 -5.66 -16.04 15.64
CA SER A 148 -4.55 -15.28 15.07
C SER A 148 -4.33 -15.66 13.62
N ALA A 149 -4.24 -14.65 12.75
CA ALA A 149 -3.97 -14.89 11.32
C ALA A 149 -2.68 -15.69 11.14
N PHE A 150 -1.58 -15.23 11.76
CA PHE A 150 -0.34 -16.01 11.71
C PHE A 150 -0.55 -17.46 12.16
N HIS A 151 -1.33 -17.67 13.23
CA HIS A 151 -1.56 -19.04 13.66
C HIS A 151 -2.45 -19.79 12.68
N LYS A 152 -3.48 -19.13 12.13
CA LYS A 152 -4.31 -19.77 11.11
C LYS A 152 -3.46 -20.27 9.95
N VAL A 153 -2.47 -19.48 9.53
CA VAL A 153 -1.64 -19.87 8.40
C VAL A 153 -0.62 -20.94 8.80
N HIS A 154 0.05 -20.78 9.96
CA HIS A 154 1.17 -21.65 10.30
C HIS A 154 0.89 -22.69 11.38
N GLY A 155 -0.17 -22.54 12.16
CA GLY A 155 -0.49 -23.52 13.19
C GLY A 155 0.28 -23.36 14.48
N ILE A 156 1.17 -22.38 14.57
CA ILE A 156 1.97 -22.12 15.77
C ILE A 156 2.05 -20.61 15.92
N ASN A 157 2.11 -20.14 17.16
CA ASN A 157 2.15 -18.70 17.34
C ASN A 157 3.54 -18.15 16.97
N PHE A 158 3.63 -16.82 16.95
CA PHE A 158 4.70 -16.13 16.23
C PHE A 158 6.10 -16.48 16.72
N TYR A 159 6.46 -16.08 17.95
CA TYR A 159 7.81 -16.37 18.45
C TYR A 159 8.05 -17.88 18.56
N ASP A 160 7.00 -18.65 18.82
CA ASP A 160 7.12 -20.10 18.85
C ASP A 160 7.48 -20.65 17.46
N TYR A 161 6.87 -20.10 16.41
CA TYR A 161 7.16 -20.56 15.06
C TYR A 161 8.59 -20.25 14.67
N LEU A 162 9.07 -19.03 14.97
CA LEU A 162 10.44 -18.61 14.67
C LEU A 162 11.49 -19.61 15.17
N GLY A 163 11.28 -20.19 16.34
CA GLY A 163 12.19 -21.22 16.77
C GLY A 163 12.15 -22.50 15.98
N THR A 164 11.27 -22.62 14.98
CA THR A 164 11.21 -23.81 14.13
C THR A 164 11.67 -23.55 12.70
N ASP A 165 11.82 -22.29 12.31
CA ASP A 165 12.24 -21.89 10.96
C ASP A 165 13.42 -20.93 11.09
N SER A 166 14.63 -21.43 10.80
CA SER A 166 15.81 -20.58 10.90
C SER A 166 15.77 -19.46 9.88
N ARG A 167 15.27 -19.74 8.68
CA ARG A 167 15.23 -18.71 7.64
C ARG A 167 14.40 -17.50 8.09
N LEU A 168 13.20 -17.74 8.64
CA LEU A 168 12.36 -16.62 9.05
C LEU A 168 12.80 -16.04 10.39
N ASN A 169 13.32 -16.88 11.30
CA ASN A 169 13.96 -16.35 12.51
C ASN A 169 15.06 -15.34 12.15
N GLU A 170 15.96 -15.74 11.23
CA GLU A 170 17.04 -14.84 10.80
C GLU A 170 16.49 -13.58 10.15
N ALA A 171 15.49 -13.72 9.26
CA ALA A 171 14.91 -12.56 8.59
C ALA A 171 14.24 -11.62 9.58
N PHE A 172 13.55 -12.16 10.58
CA PHE A 172 12.96 -11.31 11.60
C PHE A 172 14.04 -10.59 12.39
N ASN A 173 15.08 -11.33 12.77
CA ASN A 173 16.13 -10.78 13.62
C ASN A 173 16.86 -9.63 12.93
N ILE A 174 17.23 -9.78 11.66
CA ILE A 174 17.83 -8.67 10.92
C ILE A 174 16.86 -7.49 10.79
N ALA A 175 15.56 -7.76 10.67
CA ALA A 175 14.59 -6.67 10.56
C ALA A 175 14.51 -5.87 11.87
N MET A 176 14.51 -6.56 13.01
CA MET A 176 14.53 -5.83 14.27
C MET A 176 15.85 -5.08 14.43
N PHE A 177 16.96 -5.80 14.20
CA PHE A 177 18.30 -5.22 14.27
C PHE A 177 18.41 -3.94 13.47
N SER A 178 17.93 -3.97 12.21
CA SER A 178 18.01 -2.79 11.34
C SER A 178 17.17 -1.63 11.85
N GLN A 179 15.93 -1.89 12.27
CA GLN A 179 15.14 -0.79 12.80
C GLN A 179 15.74 -0.22 14.08
N SER A 180 16.29 -1.09 14.94
CA SER A 180 16.88 -0.63 16.19
C SER A 180 18.06 0.30 15.95
N SER A 181 19.02 -0.14 15.13
CA SER A 181 20.19 0.68 14.81
C SER A 181 19.78 2.06 14.27
N ILE A 182 18.73 2.10 13.44
CA ILE A 182 18.31 3.36 12.85
C ILE A 182 17.76 4.31 13.90
N VAL A 183 17.14 3.78 14.95
CA VAL A 183 16.41 4.64 15.89
C VAL A 183 17.20 4.95 17.15
N MET A 184 18.03 4.00 17.61
CA MET A 184 18.68 4.16 18.92
C MET A 184 19.66 5.33 18.95
N ASP A 185 20.24 5.71 17.81
CA ASP A 185 21.08 6.89 17.74
C ASP A 185 20.30 8.16 18.07
N LYS A 186 19.02 8.23 17.70
CA LYS A 186 18.23 9.40 18.01
C LYS A 186 17.66 9.36 19.42
N ILE A 187 17.39 8.15 19.94
CA ILE A 187 16.89 7.99 21.31
C ILE A 187 18.01 8.31 22.30
N ILE A 188 19.16 7.65 22.14
CA ILE A 188 20.34 7.89 22.98
C ILE A 188 20.66 9.37 23.05
N GLU A 189 20.50 10.09 21.92
CA GLU A 189 20.72 11.52 21.94
C GLU A 189 19.59 12.27 22.64
N SER A 190 18.38 11.72 22.63
CA SER A 190 17.26 12.40 23.29
C SER A 190 17.23 12.12 24.77
N TYR A 191 17.45 10.86 25.15
CA TYR A 191 17.18 10.36 26.50
C TYR A 191 18.48 10.28 27.30
N LYS A 192 18.68 11.27 28.17
CA LYS A 192 19.86 11.30 29.05
C LYS A 192 19.46 10.68 30.40
N GLY A 193 19.43 9.35 30.43
CA GLY A 193 19.05 8.67 31.64
C GLY A 193 19.86 7.42 31.90
N PHE A 194 21.17 7.48 31.65
CA PHE A 194 22.02 6.32 31.90
C PHE A 194 23.15 6.65 32.86
N ASP A 195 23.11 7.84 33.47
CA ASP A 195 24.07 8.20 34.52
C ASP A 195 24.00 7.23 35.69
N HIS A 196 22.79 6.92 36.13
CA HIS A 196 22.60 5.95 37.22
C HIS A 196 22.19 4.59 36.68
N VAL A 197 22.95 4.13 35.70
CA VAL A 197 22.89 2.75 35.24
C VAL A 197 24.30 2.20 35.29
N ASN A 198 24.44 0.99 35.80
CA ASN A 198 25.76 0.37 35.91
C ASN A 198 25.69 -1.04 35.33
N GLN A 199 24.72 -1.83 35.79
CA GLN A 199 24.42 -3.14 35.21
C GLN A 199 23.03 -3.06 34.60
N LEU A 200 22.99 -2.90 33.29
CA LEU A 200 21.75 -2.84 32.53
C LEU A 200 21.43 -4.23 32.01
N VAL A 201 20.17 -4.64 32.14
CA VAL A 201 19.72 -5.92 31.63
C VAL A 201 18.61 -5.64 30.61
N GLU A 202 18.82 -6.10 29.38
CA GLU A 202 17.83 -5.93 28.32
C GLU A 202 17.15 -7.26 28.09
N VAL A 203 15.83 -7.25 28.18
CA VAL A 203 15.03 -8.46 28.05
C VAL A 203 14.34 -8.42 26.70
N GLY A 204 14.45 -9.50 25.95
CA GLY A 204 13.99 -9.53 24.56
C GLY A 204 14.71 -8.50 23.71
N GLY A 205 16.04 -8.51 23.77
CA GLY A 205 16.84 -7.49 23.12
C GLY A 205 17.30 -7.83 21.72
N GLY A 206 16.88 -8.95 21.17
CA GLY A 206 17.20 -9.29 19.82
C GLY A 206 18.64 -9.75 19.69
N LEU A 207 19.32 -9.27 18.65
CA LEU A 207 20.70 -9.69 18.40
C LEU A 207 21.70 -8.98 19.33
N GLY A 208 21.37 -7.78 19.81
CA GLY A 208 22.18 -7.17 20.84
C GLY A 208 22.58 -5.72 20.58
N ILE A 209 22.07 -5.15 19.50
CA ILE A 209 22.58 -3.87 19.04
C ILE A 209 22.10 -2.71 19.92
N THR A 210 20.93 -2.81 20.52
CA THR A 210 20.44 -1.72 21.38
C THR A 210 21.35 -1.54 22.62
N LEU A 211 21.66 -2.64 23.29
CA LEU A 211 22.59 -2.61 24.42
C LEU A 211 23.97 -2.10 23.99
N SER A 212 24.54 -2.73 22.95
CA SER A 212 25.83 -2.32 22.42
C SER A 212 25.91 -0.82 22.17
N MET A 213 24.86 -0.23 21.59
CA MET A 213 24.90 1.21 21.32
C MET A 213 24.77 2.04 22.57
N ILE A 214 24.16 1.51 23.62
CA ILE A 214 24.13 2.23 24.90
C ILE A 214 25.51 2.16 25.57
N ILE A 215 26.12 0.98 25.53
CA ILE A 215 27.45 0.80 26.10
C ILE A 215 28.51 1.57 25.32
N SER A 216 28.28 1.82 24.03
CA SER A 216 29.23 2.62 23.24
C SER A 216 29.22 4.08 23.67
N LYS A 217 28.04 4.62 23.96
CA LYS A 217 27.96 5.99 24.44
C LYS A 217 28.21 6.08 25.95
N TYR A 218 28.06 4.99 26.68
CA TYR A 218 28.19 4.97 28.14
C TYR A 218 29.01 3.75 28.53
N PRO A 219 30.32 3.78 28.27
CA PRO A 219 31.12 2.56 28.43
C PRO A 219 31.26 2.09 29.87
N HIS A 220 30.87 2.90 30.86
CA HIS A 220 30.82 2.40 32.23
C HIS A 220 29.78 1.31 32.40
N ILE A 221 28.83 1.21 31.49
CA ILE A 221 27.72 0.25 31.61
C ILE A 221 28.19 -1.14 31.18
N LYS A 222 27.87 -2.15 31.99
CA LYS A 222 27.93 -3.53 31.56
C LYS A 222 26.52 -3.99 31.22
N GLY A 223 26.43 -4.99 30.35
CA GLY A 223 25.12 -5.32 29.82
C GLY A 223 24.86 -6.80 29.69
N ILE A 224 23.62 -7.19 29.91
CA ILE A 224 23.17 -8.57 29.72
C ILE A 224 21.99 -8.53 28.76
N ASN A 225 22.00 -9.41 27.78
CA ASN A 225 20.95 -9.50 26.77
C ASN A 225 20.18 -10.79 27.04
N LEU A 226 19.02 -10.67 27.68
CA LEU A 226 18.15 -11.83 27.89
C LEU A 226 17.30 -12.03 26.64
N GLU A 227 17.28 -13.26 26.13
CA GLU A 227 16.66 -13.55 24.85
C GLU A 227 16.39 -15.04 24.78
N LEU A 228 15.42 -15.40 23.93
CA LEU A 228 15.21 -16.79 23.61
C LEU A 228 16.46 -17.35 22.93
N PRO A 229 16.79 -18.62 23.18
CA PRO A 229 18.05 -19.17 22.67
C PRO A 229 18.17 -19.15 21.16
N HIS A 230 17.06 -19.34 20.44
CA HIS A 230 17.12 -19.35 18.98
C HIS A 230 17.47 -17.98 18.41
N VAL A 231 17.29 -16.91 19.18
CA VAL A 231 17.74 -15.58 18.78
C VAL A 231 19.21 -15.37 19.05
N ILE A 232 19.71 -15.79 20.23
CA ILE A 232 21.10 -15.49 20.62
C ILE A 232 22.10 -16.48 20.05
N GLN A 233 21.64 -17.52 19.35
CA GLN A 233 22.46 -18.58 18.76
C GLN A 233 23.77 -18.09 18.17
N ASP A 234 23.70 -17.16 17.20
CA ASP A 234 24.88 -16.55 16.59
C ASP A 234 24.79 -15.02 16.61
N ALA A 235 24.39 -14.45 17.74
CA ALA A 235 24.46 -13.00 17.90
C ALA A 235 25.93 -12.57 17.93
N PRO A 236 26.24 -11.36 17.44
CA PRO A 236 27.63 -10.90 17.48
C PRO A 236 28.11 -10.65 18.91
N SER A 237 29.42 -10.79 19.10
CA SER A 237 30.05 -10.65 20.43
C SER A 237 30.44 -9.20 20.68
N TYR A 238 29.44 -8.38 20.97
CA TYR A 238 29.68 -6.97 21.26
C TYR A 238 30.53 -6.82 22.51
N PRO A 239 31.28 -5.73 22.62
CA PRO A 239 32.06 -5.50 23.84
C PRO A 239 31.16 -5.04 24.99
N GLY A 240 31.31 -5.72 26.13
CA GLY A 240 30.51 -5.42 27.30
C GLY A 240 29.10 -5.98 27.28
N VAL A 241 28.80 -6.88 26.35
CA VAL A 241 27.47 -7.48 26.21
C VAL A 241 27.58 -8.97 26.45
N LYS A 242 26.85 -9.47 27.44
CA LYS A 242 26.72 -10.90 27.67
C LYS A 242 25.36 -11.35 27.16
N HIS A 243 25.34 -12.39 26.33
CA HIS A 243 24.11 -12.93 25.78
C HIS A 243 23.64 -14.09 26.66
N VAL A 244 22.43 -14.00 27.19
CA VAL A 244 21.86 -15.01 28.07
C VAL A 244 20.60 -15.59 27.43
N GLY A 245 20.56 -16.90 27.28
CA GLY A 245 19.42 -17.55 26.69
C GLY A 245 18.40 -18.13 27.66
N GLY A 246 17.31 -17.41 27.89
CA GLY A 246 16.28 -17.97 28.74
C GLY A 246 14.83 -17.65 28.39
N ASP A 247 14.13 -17.03 29.34
CA ASP A 247 12.70 -16.79 29.23
C ASP A 247 12.36 -15.74 30.28
N MET A 248 11.97 -14.55 29.84
CA MET A 248 11.64 -13.46 30.74
C MET A 248 10.39 -13.72 31.58
N PHE A 249 9.62 -14.74 31.25
CA PHE A 249 8.49 -15.09 32.10
C PHE A 249 8.87 -16.09 33.17
N GLU A 250 10.09 -16.61 33.12
CA GLU A 250 10.63 -17.50 34.14
C GLU A 250 11.60 -16.77 35.08
N ARG A 251 12.66 -16.18 34.53
CA ARG A 251 13.68 -15.52 35.33
C ARG A 251 14.36 -14.44 34.51
N ILE A 252 14.66 -13.34 35.14
CA ILE A 252 15.40 -12.23 34.54
C ILE A 252 16.70 -12.06 35.33
N PRO A 253 17.87 -12.08 34.67
CA PRO A 253 19.13 -11.90 35.42
C PRO A 253 19.16 -10.60 36.21
N GLU A 254 19.97 -10.59 37.26
CA GLU A 254 19.98 -9.49 38.21
C GLU A 254 20.79 -8.32 37.68
N GLY A 255 20.33 -7.11 38.01
CA GLY A 255 20.99 -5.87 37.65
C GLY A 255 20.23 -4.74 38.29
N ASP A 256 20.70 -3.52 38.06
CA ASP A 256 20.07 -2.37 38.66
C ASP A 256 19.07 -1.67 37.75
N THR A 257 19.03 -2.03 36.47
CA THR A 257 18.15 -1.40 35.49
C THR A 257 17.73 -2.44 34.47
N ILE A 258 16.44 -2.47 34.13
CA ILE A 258 15.95 -3.40 33.13
C ILE A 258 15.37 -2.58 31.99
N LEU A 259 15.52 -3.09 30.76
CA LEU A 259 15.17 -2.35 29.56
C LEU A 259 14.44 -3.26 28.59
N MET A 260 13.47 -2.66 27.90
CA MET A 260 12.49 -3.39 27.07
C MET A 260 12.13 -2.49 25.90
N LYS A 261 12.46 -2.89 24.69
CA LYS A 261 12.03 -2.14 23.52
C LYS A 261 11.24 -3.08 22.62
N TRP A 262 10.04 -2.62 22.23
CA TRP A 262 9.15 -3.39 21.34
C TRP A 262 8.86 -4.76 21.92
N VAL A 263 8.66 -4.83 23.25
CA VAL A 263 8.41 -6.08 23.96
C VAL A 263 7.05 -6.04 24.67
N PHE A 264 6.79 -4.98 25.43
CA PHE A 264 5.58 -4.89 26.24
C PHE A 264 4.32 -4.95 25.38
N ILE A 265 4.38 -4.34 24.19
CA ILE A 265 3.24 -4.31 23.27
C ILE A 265 2.84 -5.69 22.76
N GLY A 266 3.68 -6.70 22.90
CA GLY A 266 3.37 -8.02 22.42
C GLY A 266 2.66 -8.93 23.40
N PHE A 267 2.16 -8.41 24.53
CA PHE A 267 1.70 -9.26 25.62
C PHE A 267 0.40 -8.72 26.22
N ASP A 268 -0.45 -9.65 26.68
CA ASP A 268 -1.67 -9.23 27.36
C ASP A 268 -1.36 -8.79 28.79
N ASP A 269 -2.40 -8.30 29.47
CA ASP A 269 -2.23 -7.76 30.82
C ASP A 269 -1.68 -8.78 31.81
N ASP A 270 -2.03 -10.05 31.65
CA ASP A 270 -1.58 -11.08 32.59
C ASP A 270 -0.14 -11.51 32.34
N GLN A 271 0.27 -11.55 31.07
CA GLN A 271 1.69 -11.77 30.78
C GLN A 271 2.51 -10.57 31.23
N CYS A 272 1.99 -9.36 31.03
CA CYS A 272 2.71 -8.15 31.38
C CYS A 272 2.95 -8.05 32.88
N LEU A 273 2.01 -8.56 33.69
CA LEU A 273 2.16 -8.48 35.13
C LEU A 273 3.13 -9.53 35.65
N ARG A 274 3.05 -10.76 35.15
CA ARG A 274 4.05 -11.77 35.48
C ARG A 274 5.46 -11.31 35.10
N LEU A 275 5.58 -10.53 34.02
CA LEU A 275 6.87 -10.03 33.57
C LEU A 275 7.40 -8.93 34.47
N LEU A 276 6.54 -7.97 34.84
CA LEU A 276 6.96 -6.87 35.70
C LEU A 276 7.24 -7.33 37.13
N ARG A 277 6.66 -8.45 37.56
CA ARG A 277 7.01 -9.00 38.86
C ARG A 277 8.36 -9.70 38.83
N ASN A 278 8.72 -10.30 37.69
CA ASN A 278 10.05 -10.85 37.51
C ASN A 278 11.12 -9.76 37.42
N CYS A 279 10.77 -8.60 36.83
CA CYS A 279 11.64 -7.43 36.90
C CYS A 279 11.81 -6.95 38.33
N TYR A 280 10.70 -6.82 39.06
CA TYR A 280 10.75 -6.39 40.45
C TYR A 280 11.71 -7.26 41.25
N ASN A 281 11.58 -8.58 41.11
CA ASN A 281 12.41 -9.52 41.85
C ASN A 281 13.87 -9.51 41.41
N ALA A 282 14.15 -9.09 40.19
CA ALA A 282 15.52 -9.03 39.70
C ALA A 282 16.21 -7.72 40.05
N LEU A 283 15.47 -6.69 40.39
CA LEU A 283 16.01 -5.37 40.66
C LEU A 283 16.30 -5.20 42.16
N PRO A 284 17.15 -4.21 42.52
CA PRO A 284 17.34 -3.88 43.93
C PRO A 284 16.28 -2.91 44.42
N VAL A 285 16.32 -2.54 45.71
CA VAL A 285 15.29 -1.68 46.31
C VAL A 285 15.13 -0.37 45.55
N ASP A 286 16.14 0.05 44.79
CA ASP A 286 16.06 1.28 44.02
C ASP A 286 16.12 1.05 42.52
N GLY A 287 15.96 -0.19 42.07
CA GLY A 287 15.99 -0.50 40.66
C GLY A 287 14.89 0.21 39.88
N LYS A 288 15.03 0.12 38.55
CA LYS A 288 14.05 0.74 37.68
C LYS A 288 13.91 -0.05 36.38
N VAL A 289 12.79 0.10 35.71
CA VAL A 289 12.52 -0.58 34.46
C VAL A 289 12.34 0.49 33.40
N LEU A 290 12.90 0.27 32.23
CA LEU A 290 12.76 1.19 31.11
C LEU A 290 12.01 0.47 30.00
N VAL A 291 10.99 1.11 29.46
CA VAL A 291 10.14 0.49 28.44
C VAL A 291 10.09 1.47 27.28
N ILE A 292 10.67 1.07 26.16
CA ILE A 292 10.68 1.91 24.97
C ILE A 292 9.62 1.36 24.04
N ASP A 293 8.64 2.21 23.73
CA ASP A 293 7.43 1.79 23.01
C ASP A 293 6.65 3.03 22.61
N THR A 294 5.75 2.84 21.66
CA THR A 294 4.77 3.87 21.35
C THR A 294 3.60 3.77 22.33
N LEU A 295 3.14 4.91 22.82
CA LEU A 295 1.93 4.95 23.62
C LEU A 295 0.72 5.01 22.69
N LEU A 296 -0.36 4.34 23.10
CA LEU A 296 -1.62 4.38 22.34
C LEU A 296 -2.15 5.80 22.24
N PRO A 297 -2.34 6.35 21.04
CA PRO A 297 -2.90 7.71 20.94
C PRO A 297 -4.37 7.73 21.33
N GLU A 298 -4.79 8.87 21.88
CA GLU A 298 -6.17 8.94 22.37
C GLU A 298 -7.17 8.97 21.23
N VAL A 299 -6.83 9.59 20.10
CA VAL A 299 -7.63 9.52 18.88
C VAL A 299 -6.71 9.35 17.67
N PRO A 300 -7.04 8.47 16.73
CA PRO A 300 -6.32 8.45 15.45
C PRO A 300 -6.54 9.76 14.68
N GLU A 301 -5.61 10.06 13.78
CA GLU A 301 -5.70 11.29 13.00
C GLU A 301 -4.98 11.10 11.68
N ASN A 302 -5.07 12.13 10.83
CA ASN A 302 -4.49 12.09 9.48
C ASN A 302 -3.07 12.65 9.54
N SER A 303 -2.14 11.79 9.94
CA SER A 303 -0.76 12.16 10.18
C SER A 303 0.08 10.90 9.97
N SER A 304 1.35 11.09 9.56
CA SER A 304 2.16 9.90 9.28
C SER A 304 2.57 9.19 10.57
N ALA A 305 2.71 9.94 11.68
CA ALA A 305 2.87 9.30 12.98
C ALA A 305 1.68 8.40 13.29
N SER A 306 0.47 8.96 13.21
CA SER A 306 -0.73 8.15 13.42
C SER A 306 -0.79 6.99 12.44
N ARG A 307 -0.44 7.21 11.17
CA ARG A 307 -0.44 6.09 10.23
C ARG A 307 0.61 5.04 10.58
N GLU A 308 1.79 5.47 11.04
CA GLU A 308 2.79 4.50 11.50
C GLU A 308 2.25 3.67 12.66
N THR A 309 1.63 4.34 13.64
CA THR A 309 1.11 3.65 14.81
C THR A 309 0.04 2.62 14.43
N SER A 310 -0.93 3.03 13.60
CA SER A 310 -2.00 2.10 13.21
C SER A 310 -1.44 0.87 12.51
N ASN A 311 -0.48 1.07 11.60
CA ASN A 311 0.13 -0.08 10.92
C ASN A 311 0.69 -1.07 11.91
N MET A 312 1.45 -0.56 12.89
CA MET A 312 1.94 -1.41 13.96
C MET A 312 0.80 -2.15 14.67
N GLU A 313 -0.29 -1.43 14.97
CA GLU A 313 -1.46 -2.08 15.56
C GLU A 313 -1.97 -3.20 14.67
N ALA A 314 -2.07 -2.95 13.36
CA ALA A 314 -2.52 -3.99 12.43
C ALA A 314 -1.56 -5.17 12.40
N ILE A 315 -0.24 -4.90 12.34
CA ILE A 315 0.73 -6.00 12.43
C ILE A 315 0.52 -6.79 13.72
N GLY A 316 0.32 -6.10 14.84
CA GLY A 316 0.15 -6.81 16.11
C GLY A 316 -1.06 -7.72 16.08
N LEU A 317 -2.20 -7.18 15.65
CA LEU A 317 -3.40 -7.98 15.42
C LEU A 317 -3.09 -9.25 14.66
N THR A 318 -2.32 -9.14 13.58
CA THR A 318 -2.09 -10.29 12.71
C THR A 318 -1.14 -11.30 13.33
N LEU A 319 -0.10 -10.83 14.02
CA LEU A 319 0.97 -11.70 14.51
C LEU A 319 0.79 -12.14 15.96
N VAL A 320 0.43 -11.20 16.85
CA VAL A 320 0.17 -11.52 18.26
C VAL A 320 -1.05 -10.74 18.72
N VAL A 321 -2.22 -11.37 18.59
CA VAL A 321 -3.50 -10.70 18.91
C VAL A 321 -3.53 -10.28 20.37
N GLN A 322 -2.97 -11.11 21.26
CA GLN A 322 -2.94 -10.83 22.70
C GLN A 322 -2.43 -9.43 23.02
N GLY A 323 -1.51 -8.89 22.19
CA GLY A 323 -0.83 -7.66 22.53
C GLY A 323 -1.68 -6.43 22.33
N LYS A 324 -1.17 -5.31 22.84
CA LYS A 324 -1.83 -4.03 22.62
C LYS A 324 -0.86 -2.88 22.91
N LEU A 325 -1.09 -1.78 22.19
CA LEU A 325 -0.53 -0.48 22.58
C LEU A 325 -1.38 0.09 23.70
N ARG A 326 -0.70 0.60 24.74
CA ARG A 326 -1.36 0.97 25.98
C ARG A 326 -1.24 2.46 26.24
N THR A 327 -2.19 2.98 27.00
CA THR A 327 -2.16 4.37 27.43
C THR A 327 -1.27 4.54 28.66
N LYS A 328 -1.09 5.79 29.07
CA LYS A 328 -0.33 6.11 30.27
C LYS A 328 -0.98 5.46 31.50
N GLN A 329 -2.29 5.64 31.65
CA GLN A 329 -3.01 5.11 32.81
C GLN A 329 -2.97 3.59 32.83
N GLU A 330 -3.05 2.96 31.67
CA GLU A 330 -2.95 1.50 31.59
C GLU A 330 -1.57 1.01 32.01
N LEU A 331 -0.54 1.80 31.74
CA LEU A 331 0.82 1.39 32.05
C LEU A 331 1.15 1.61 33.53
N LYS A 332 0.70 2.74 34.08
CA LYS A 332 0.92 3.04 35.50
C LYS A 332 0.27 1.99 36.40
N ALA A 333 -0.98 1.64 36.13
CA ALA A 333 -1.66 0.64 36.94
C ALA A 333 -1.01 -0.73 36.83
N LEU A 334 -0.45 -1.06 35.67
CA LEU A 334 0.25 -2.33 35.54
C LEU A 334 1.52 -2.33 36.40
N ALA A 335 2.19 -1.18 36.49
CA ALA A 335 3.40 -1.09 37.31
C ALA A 335 3.07 -1.21 38.79
N ILE A 336 2.11 -0.40 39.25
CA ILE A 336 1.75 -0.35 40.68
C ILE A 336 1.40 -1.73 41.22
N GLU A 337 0.56 -2.48 40.50
CA GLU A 337 0.20 -3.82 40.95
C GLU A 337 1.38 -4.78 40.97
N ALA A 338 2.44 -4.48 40.18
CA ALA A 338 3.60 -5.34 40.14
C ALA A 338 4.60 -5.01 41.23
N GLY A 339 4.53 -3.81 41.80
CA GLY A 339 5.37 -3.48 42.93
C GLY A 339 6.00 -2.11 42.86
N PHE A 340 5.84 -1.43 41.74
CA PHE A 340 6.58 -0.21 41.50
C PHE A 340 5.83 0.98 42.09
N LYS A 341 6.60 2.00 42.46
CA LYS A 341 6.09 3.16 43.19
C LYS A 341 5.98 4.42 42.33
N THR A 342 6.99 4.73 41.54
CA THR A 342 7.00 5.92 40.69
C THR A 342 7.04 5.51 39.22
N ILE A 343 6.39 6.32 38.39
CA ILE A 343 6.29 6.08 36.95
C ILE A 343 6.34 7.42 36.24
N ASN A 344 7.16 7.48 35.18
CA ASN A 344 7.37 8.70 34.43
C ASN A 344 7.33 8.36 32.95
N PHE A 345 6.93 9.34 32.13
CA PHE A 345 6.85 9.18 30.67
C PHE A 345 7.67 10.29 30.01
N GLU A 346 8.75 9.90 29.33
CA GLU A 346 9.61 10.83 28.60
C GLU A 346 9.56 10.51 27.12
N TYR A 347 9.07 11.45 26.31
CA TYR A 347 9.10 11.27 24.87
C TYR A 347 10.53 11.44 24.35
N CYS A 348 11.00 10.44 23.62
CA CYS A 348 12.40 10.35 23.19
C CYS A 348 12.51 10.25 21.67
N ALA A 349 11.72 11.05 20.95
CA ALA A 349 11.78 11.13 19.49
C ALA A 349 11.35 9.84 18.79
N CYS A 350 11.09 9.94 17.48
CA CYS A 350 10.80 8.79 16.63
C CYS A 350 9.49 8.09 17.01
N ASN A 351 8.50 8.89 17.43
CA ASN A 351 7.19 8.35 17.79
C ASN A 351 7.29 7.39 18.97
N LEU A 352 8.29 7.59 19.83
CA LEU A 352 8.60 6.64 20.90
C LEU A 352 8.69 7.37 22.24
N TYR A 353 8.24 6.70 23.28
CA TYR A 353 8.42 7.14 24.65
C TYR A 353 9.39 6.22 25.38
N VAL A 354 10.04 6.76 26.40
CA VAL A 354 10.68 5.94 27.43
C VAL A 354 9.77 5.99 28.67
N THR A 355 9.27 4.83 29.07
CA THR A 355 8.41 4.71 30.24
C THR A 355 9.22 4.14 31.39
N GLU A 356 9.31 4.90 32.47
CA GLU A 356 10.19 4.61 33.59
C GLU A 356 9.35 4.13 34.76
N PHE A 357 9.51 2.85 35.12
CA PHE A 357 8.91 2.26 36.32
C PHE A 357 9.98 2.24 37.42
N TYR A 358 9.90 3.19 38.36
CA TYR A 358 10.79 3.22 39.52
C TYR A 358 10.23 2.40 40.67
N LYS A 359 11.05 1.48 41.16
CA LYS A 359 10.66 0.53 42.18
C LYS A 359 10.84 1.12 43.56
N PRO B 11 15.71 21.71 7.65
CA PRO B 11 15.06 20.50 8.15
C PRO B 11 14.76 20.60 9.65
N SER B 12 13.58 21.12 9.99
CA SER B 12 13.15 21.23 11.37
C SER B 12 13.07 19.86 12.03
N LYS B 13 12.92 19.86 13.36
CA LYS B 13 12.74 18.59 14.07
C LYS B 13 11.38 17.98 13.77
N GLN B 14 10.38 18.81 13.48
CA GLN B 14 9.08 18.29 13.05
C GLN B 14 9.20 17.61 11.69
N GLU B 15 9.90 18.24 10.74
CA GLU B 15 10.13 17.60 9.43
C GLU B 15 10.91 16.30 9.58
N GLU B 16 11.97 16.30 10.39
CA GLU B 16 12.74 15.06 10.59
C GLU B 16 11.88 13.98 11.23
N GLU B 17 10.92 14.35 12.07
CA GLU B 17 10.05 13.38 12.70
C GLU B 17 9.01 12.83 11.71
N GLU B 18 8.44 13.72 10.88
CA GLU B 18 7.49 13.27 9.85
C GLU B 18 8.17 12.35 8.83
N THR B 19 9.44 12.59 8.52
CA THR B 19 10.15 11.75 7.57
C THR B 19 10.41 10.37 8.13
N TYR B 20 10.75 10.28 9.42
CA TYR B 20 10.95 8.98 10.03
C TYR B 20 9.65 8.18 10.03
N SER B 21 8.55 8.84 10.40
CA SER B 21 7.27 8.16 10.50
C SER B 21 6.79 7.68 9.13
N TYR B 22 6.96 8.52 8.09
CA TYR B 22 6.68 8.08 6.73
C TYR B 22 7.54 6.88 6.34
N ALA B 23 8.85 6.93 6.63
CA ALA B 23 9.70 5.79 6.32
C ALA B 23 9.23 4.52 7.01
N MET B 24 8.66 4.66 8.22
CA MET B 24 8.14 3.50 8.93
C MET B 24 6.82 3.04 8.32
N GLN B 25 5.97 4.00 7.97
CA GLN B 25 4.76 3.71 7.20
C GLN B 25 5.08 2.90 5.94
N LEU B 26 6.13 3.32 5.19
CA LEU B 26 6.50 2.62 3.95
C LEU B 26 7.00 1.19 4.18
N ALA B 27 7.61 0.90 5.34
CA ALA B 27 8.10 -0.45 5.56
C ALA B 27 6.96 -1.46 5.73
N SER B 28 5.76 -1.00 6.08
CA SER B 28 4.64 -1.90 6.38
C SER B 28 3.40 -1.55 5.56
N ALA B 29 3.57 -0.91 4.39
CA ALA B 29 2.44 -0.47 3.58
C ALA B 29 1.63 -1.62 2.99
N ILE B 30 2.09 -2.87 3.14
CA ILE B 30 1.31 -4.01 2.70
C ILE B 30 0.07 -4.22 3.56
N VAL B 31 0.09 -3.80 4.84
CA VAL B 31 -1.07 -4.04 5.69
C VAL B 31 -2.27 -3.18 5.29
N PHE B 32 -2.05 -2.04 4.62
CA PHE B 32 -3.18 -1.16 4.32
C PHE B 32 -4.14 -1.77 3.31
N PRO B 33 -3.71 -2.34 2.17
CA PRO B 33 -4.67 -3.03 1.30
C PRO B 33 -5.36 -4.19 2.00
N ALA B 34 -4.61 -4.96 2.79
CA ALA B 34 -5.18 -6.06 3.54
C ALA B 34 -6.29 -5.57 4.48
N VAL B 35 -6.07 -4.42 5.11
CA VAL B 35 -7.02 -3.90 6.09
C VAL B 35 -8.23 -3.28 5.41
N LEU B 36 -8.00 -2.44 4.41
CA LEU B 36 -9.10 -1.86 3.66
C LEU B 36 -10.01 -2.95 3.07
N GLN B 37 -9.42 -4.06 2.61
CA GLN B 37 -10.22 -5.13 2.06
C GLN B 37 -11.03 -5.84 3.14
N ALA B 38 -10.39 -6.15 4.28
CA ALA B 38 -11.08 -6.89 5.33
C ALA B 38 -12.26 -6.10 5.88
N VAL B 39 -12.13 -4.78 5.98
CA VAL B 39 -13.19 -3.93 6.50
C VAL B 39 -14.31 -3.79 5.47
N ILE B 40 -13.96 -3.63 4.19
CA ILE B 40 -14.96 -3.51 3.13
C ILE B 40 -15.78 -4.80 3.02
N GLU B 41 -15.12 -5.95 3.16
CA GLU B 41 -15.74 -7.26 3.01
C GLU B 41 -16.52 -7.72 4.24
N LEU B 42 -16.30 -7.08 5.38
CA LEU B 42 -17.16 -7.27 6.54
C LEU B 42 -18.43 -6.46 6.43
N ASP B 43 -18.56 -5.67 5.37
CA ASP B 43 -19.71 -4.83 5.06
C ASP B 43 -19.80 -3.62 5.97
N VAL B 44 -18.68 -3.22 6.56
CA VAL B 44 -18.67 -2.11 7.51
C VAL B 44 -19.12 -0.82 6.84
N PHE B 45 -18.75 -0.60 5.57
CA PHE B 45 -19.19 0.63 4.92
C PHE B 45 -20.67 0.58 4.60
N GLU B 46 -21.20 -0.62 4.34
CA GLU B 46 -22.65 -0.78 4.19
C GLU B 46 -23.37 -0.54 5.52
N ILE B 47 -22.83 -1.12 6.59
CA ILE B 47 -23.45 -1.02 7.92
C ILE B 47 -23.54 0.44 8.37
N ILE B 48 -22.44 1.19 8.27
CA ILE B 48 -22.50 2.59 8.66
C ILE B 48 -23.41 3.37 7.72
N ASN B 49 -23.47 2.99 6.44
CA ASN B 49 -24.26 3.76 5.50
C ASN B 49 -25.75 3.58 5.76
N LYS B 50 -26.18 2.35 6.00
CA LYS B 50 -27.59 2.07 6.33
C LYS B 50 -28.10 3.01 7.41
N ALA B 51 -27.25 3.32 8.41
CA ALA B 51 -27.66 4.10 9.56
C ALA B 51 -28.00 5.55 9.22
N GLY B 52 -27.64 6.03 8.04
CA GLY B 52 -28.04 7.37 7.63
C GLY B 52 -26.90 8.34 7.42
N PRO B 53 -27.17 9.41 6.66
CA PRO B 53 -26.11 10.35 6.29
C PRO B 53 -25.52 11.06 7.50
N GLY B 54 -24.21 10.89 7.69
CA GLY B 54 -23.54 11.47 8.83
C GLY B 54 -23.59 10.63 10.08
N ALA B 55 -23.98 9.36 9.98
CA ALA B 55 -24.09 8.50 11.15
C ALA B 55 -22.72 8.17 11.72
N LYS B 56 -22.61 8.21 13.05
CA LYS B 56 -21.40 7.81 13.75
C LYS B 56 -21.72 6.59 14.59
N LEU B 57 -21.09 5.47 14.25
CA LEU B 57 -21.30 4.20 14.94
C LEU B 57 -20.03 3.80 15.70
N SER B 58 -20.23 3.17 16.86
CA SER B 58 -19.15 2.55 17.61
C SER B 58 -18.79 1.21 17.00
N ALA B 59 -17.60 0.71 17.35
CA ALA B 59 -17.19 -0.59 16.83
C ALA B 59 -18.08 -1.72 17.33
N SER B 60 -18.71 -1.53 18.49
CA SER B 60 -19.61 -2.56 19.02
C SER B 60 -20.95 -2.58 18.26
N GLU B 61 -21.47 -1.39 17.92
CA GLU B 61 -22.66 -1.31 17.06
C GLU B 61 -22.42 -1.97 15.71
N ILE B 62 -21.24 -1.73 15.10
CA ILE B 62 -20.91 -2.32 13.81
C ILE B 62 -20.88 -3.85 13.90
N VAL B 63 -20.21 -4.38 14.90
CA VAL B 63 -20.10 -5.83 15.08
C VAL B 63 -21.45 -6.48 15.38
N ALA B 64 -22.46 -5.70 15.75
CA ALA B 64 -23.79 -6.26 16.00
C ALA B 64 -24.33 -7.01 14.76
N GLN B 65 -23.93 -6.59 13.56
CA GLN B 65 -24.36 -7.23 12.33
C GLN B 65 -23.37 -8.25 11.77
N PHE B 66 -22.25 -8.52 12.47
CA PHE B 66 -21.34 -9.55 11.98
C PHE B 66 -21.84 -10.93 12.36
N PRO B 67 -21.56 -11.97 11.54
CA PRO B 67 -21.67 -13.37 12.02
C PRO B 67 -20.44 -13.85 12.79
N THR B 68 -20.30 -13.40 14.03
CA THR B 68 -19.02 -13.49 14.74
C THR B 68 -18.92 -14.56 15.83
N LYS B 69 -20.00 -14.86 16.55
CA LYS B 69 -20.00 -15.86 17.62
C LYS B 69 -19.22 -15.41 18.86
N ASN B 70 -18.39 -14.38 18.72
CA ASN B 70 -17.68 -13.76 19.85
C ASN B 70 -17.61 -12.28 19.58
N PRO B 71 -18.72 -11.56 19.77
CA PRO B 71 -18.75 -10.12 19.44
C PRO B 71 -17.75 -9.29 20.23
N GLU B 72 -17.30 -9.76 21.40
CA GLU B 72 -16.41 -8.94 22.23
C GLU B 72 -15.01 -8.90 21.63
N ALA B 73 -14.46 -10.07 21.30
CA ALA B 73 -13.17 -10.12 20.60
C ALA B 73 -13.26 -9.43 19.25
N ALA B 74 -14.37 -9.64 18.53
CA ALA B 74 -14.55 -9.00 17.23
C ALA B 74 -14.50 -7.48 17.34
N ALA B 75 -15.12 -6.91 18.38
CA ALA B 75 -15.18 -5.46 18.49
C ALA B 75 -13.86 -4.86 18.96
N THR B 76 -13.10 -5.59 19.76
CA THR B 76 -11.73 -5.15 20.07
C THR B 76 -10.90 -5.08 18.80
N MET B 77 -10.81 -6.20 18.10
CA MET B 77 -10.04 -6.29 16.86
C MET B 77 -10.47 -5.23 15.85
N LEU B 78 -11.78 -5.11 15.62
CA LEU B 78 -12.27 -4.18 14.60
C LEU B 78 -11.97 -2.73 14.94
N ASP B 79 -11.90 -2.36 16.23
CA ASP B 79 -11.62 -0.96 16.54
C ASP B 79 -10.20 -0.57 16.15
N ARG B 80 -9.27 -1.53 16.13
CA ARG B 80 -7.90 -1.23 15.74
C ARG B 80 -7.81 -0.93 14.24
N VAL B 81 -8.46 -1.75 13.42
CA VAL B 81 -8.44 -1.53 11.97
C VAL B 81 -9.26 -0.32 11.57
N LEU B 82 -10.36 -0.02 12.27
CA LEU B 82 -11.09 1.21 11.97
C LEU B 82 -10.28 2.45 12.35
N ARG B 83 -9.47 2.36 13.40
CA ARG B 83 -8.57 3.48 13.71
C ARG B 83 -7.57 3.69 12.57
N LEU B 84 -7.10 2.61 11.98
CA LEU B 84 -6.19 2.69 10.84
C LEU B 84 -6.81 3.48 9.70
N LEU B 85 -8.02 3.09 9.27
CA LEU B 85 -8.70 3.80 8.19
C LEU B 85 -8.93 5.26 8.52
N VAL B 86 -9.06 5.61 9.81
CA VAL B 86 -9.15 7.03 10.12
C VAL B 86 -7.81 7.72 9.89
N SER B 87 -6.70 7.02 10.14
CA SER B 87 -5.39 7.63 9.94
CA SER B 87 -5.38 7.62 9.94
C SER B 87 -5.11 7.89 8.46
N TYR B 88 -5.63 7.03 7.59
CA TYR B 88 -5.51 7.14 6.15
C TYR B 88 -6.68 7.88 5.50
N ASN B 89 -7.50 8.57 6.30
CA ASN B 89 -8.54 9.48 5.78
C ASN B 89 -9.63 8.75 5.00
N VAL B 90 -9.84 7.47 5.30
CA VAL B 90 -10.97 6.70 4.77
C VAL B 90 -12.21 6.85 5.66
N LEU B 91 -12.03 6.90 6.97
CA LEU B 91 -13.13 7.11 7.90
C LEU B 91 -12.87 8.35 8.75
N TYR B 92 -13.90 8.74 9.48
CA TYR B 92 -13.80 9.77 10.49
C TYR B 92 -13.95 9.14 11.87
N CYS B 93 -13.45 9.84 12.88
CA CYS B 93 -13.57 9.40 14.27
C CYS B 93 -14.00 10.58 15.12
N SER B 94 -15.02 10.38 15.95
CA SER B 94 -15.43 11.41 16.89
C SER B 94 -15.52 10.76 18.26
N LEU B 95 -15.08 11.48 19.29
CA LEU B 95 -15.03 10.95 20.64
C LEU B 95 -16.21 11.50 21.43
N VAL B 96 -17.04 10.61 21.96
CA VAL B 96 -18.23 10.98 22.73
C VAL B 96 -18.25 10.15 24.01
N ALA B 97 -18.14 10.83 25.16
CA ALA B 97 -18.06 10.17 26.47
C ALA B 97 -16.97 9.09 26.49
N GLY B 98 -15.82 9.43 25.89
CA GLY B 98 -14.75 8.45 25.80
C GLY B 98 -15.02 7.26 24.92
N VAL B 99 -16.05 7.32 24.06
CA VAL B 99 -16.35 6.27 23.09
C VAL B 99 -15.97 6.77 21.70
N ARG B 100 -15.28 5.92 20.94
CA ARG B 100 -14.90 6.25 19.57
C ARG B 100 -16.05 5.87 18.65
N LEU B 101 -16.59 6.86 17.96
CA LEU B 101 -17.64 6.70 16.96
C LEU B 101 -17.09 6.98 15.55
N TYR B 102 -17.31 6.05 14.62
CA TYR B 102 -16.79 6.17 13.27
C TYR B 102 -17.88 6.54 12.27
N SER B 103 -17.57 7.50 11.40
CA SER B 103 -18.45 7.87 10.28
C SER B 103 -17.69 7.74 8.96
N LEU B 104 -18.46 7.75 7.87
CA LEU B 104 -17.88 7.59 6.54
C LEU B 104 -17.25 8.90 6.05
N ALA B 105 -16.02 8.80 5.55
CA ALA B 105 -15.36 9.93 4.91
C ALA B 105 -15.62 9.89 3.41
N PRO B 106 -15.52 11.04 2.72
CA PRO B 106 -15.94 11.09 1.30
C PRO B 106 -15.38 9.98 0.42
N VAL B 107 -14.14 9.56 0.65
CA VAL B 107 -13.55 8.53 -0.20
C VAL B 107 -14.25 7.20 -0.03
N SER B 108 -14.80 6.90 1.16
CA SER B 108 -15.39 5.59 1.37
C SER B 108 -16.68 5.41 0.61
N LYS B 109 -17.31 6.52 0.21
CA LYS B 109 -18.56 6.50 -0.53
C LYS B 109 -18.42 5.78 -1.87
N TYR B 110 -17.22 5.78 -2.44
CA TYR B 110 -16.93 5.03 -3.65
C TYR B 110 -16.92 3.52 -3.43
N TYR B 111 -16.97 3.06 -2.17
CA TYR B 111 -16.99 1.63 -1.90
C TYR B 111 -18.29 1.21 -1.21
N VAL B 112 -19.27 2.11 -1.22
CA VAL B 112 -20.63 1.84 -0.78
C VAL B 112 -21.49 1.67 -2.04
N ARG B 113 -22.08 0.49 -2.20
CA ARG B 113 -23.01 0.18 -3.29
C ARG B 113 -24.03 1.29 -3.50
N ASN B 114 -24.20 1.69 -4.76
CA ASN B 114 -25.12 2.79 -5.08
C ASN B 114 -26.50 2.25 -5.44
N GLN B 115 -27.35 3.14 -5.97
CA GLN B 115 -28.72 2.79 -6.35
C GLN B 115 -28.80 1.49 -7.14
N ASN B 116 -27.88 1.27 -8.07
CA ASN B 116 -27.85 0.05 -8.87
C ASN B 116 -27.00 -1.05 -8.24
N GLY B 117 -26.36 -0.78 -7.12
CA GLY B 117 -25.52 -1.78 -6.49
C GLY B 117 -24.10 -1.80 -7.01
N VAL B 118 -23.60 -0.69 -7.53
CA VAL B 118 -22.26 -0.63 -8.08
C VAL B 118 -21.41 0.32 -7.24
N SER B 119 -20.15 -0.08 -7.08
CA SER B 119 -19.14 0.65 -6.33
C SER B 119 -17.80 0.14 -6.84
N LEU B 120 -16.71 0.74 -6.35
CA LEU B 120 -15.38 0.29 -6.70
C LEU B 120 -14.96 -0.98 -5.96
N ARG B 121 -15.88 -1.65 -5.26
CA ARG B 121 -15.53 -2.87 -4.55
C ARG B 121 -14.97 -3.97 -5.44
N PRO B 122 -15.57 -4.31 -6.61
CA PRO B 122 -15.00 -5.39 -7.41
C PRO B 122 -13.76 -4.98 -8.18
N PHE B 123 -13.58 -3.67 -8.37
CA PHE B 123 -12.36 -3.11 -8.99
C PHE B 123 -11.15 -3.31 -8.08
N MET B 124 -11.24 -2.86 -6.83
CA MET B 124 -10.19 -3.16 -5.85
C MET B 124 -9.99 -4.65 -5.68
N ASN B 125 -11.09 -5.42 -5.56
CA ASN B 125 -10.95 -6.85 -5.32
C ASN B 125 -10.26 -7.57 -6.46
N PHE B 126 -10.27 -6.99 -7.66
CA PHE B 126 -9.60 -7.62 -8.78
C PHE B 126 -8.08 -7.56 -8.59
N HIS B 127 -7.56 -6.45 -8.08
CA HIS B 127 -6.12 -6.30 -7.86
C HIS B 127 -5.61 -7.21 -6.74
N LEU B 128 -6.49 -7.61 -5.82
CA LEU B 128 -6.14 -8.53 -4.75
C LEU B 128 -6.49 -9.98 -5.10
N ASP B 129 -6.75 -10.26 -6.37
CA ASP B 129 -7.09 -11.62 -6.79
C ASP B 129 -5.89 -12.55 -6.70
N LYS B 130 -6.17 -13.82 -6.43
CA LYS B 130 -5.11 -14.82 -6.26
C LYS B 130 -4.31 -15.05 -7.53
N ALA B 131 -4.85 -14.67 -8.69
CA ALA B 131 -4.11 -14.79 -9.94
C ALA B 131 -3.29 -13.55 -10.25
N LEU B 132 -3.60 -12.43 -9.63
CA LEU B 132 -2.88 -11.20 -9.85
C LEU B 132 -1.81 -10.93 -8.80
N MET B 133 -2.05 -11.40 -7.56
CA MET B 133 -1.13 -11.16 -6.43
C MET B 133 0.30 -11.60 -6.70
N PRO B 134 0.58 -12.83 -7.17
CA PRO B 134 1.99 -13.17 -7.42
C PRO B 134 2.63 -12.38 -8.56
N CYS B 135 1.84 -11.67 -9.36
CA CYS B 135 2.39 -10.93 -10.49
C CYS B 135 3.01 -9.61 -10.05
N TRP B 136 2.38 -8.93 -9.09
CA TRP B 136 2.87 -7.61 -8.70
C TRP B 136 4.28 -7.68 -8.13
N PHE B 137 4.62 -8.79 -7.47
CA PHE B 137 5.86 -8.91 -6.71
C PHE B 137 6.94 -9.63 -7.49
N ARG B 138 6.85 -9.55 -8.82
CA ARG B 138 7.87 -10.05 -9.74
C ARG B 138 8.41 -8.96 -10.66
N LEU B 139 8.14 -7.70 -10.34
CA LEU B 139 8.52 -6.61 -11.24
C LEU B 139 10.02 -6.48 -11.35
N LYS B 140 10.77 -6.80 -10.29
CA LYS B 140 12.22 -6.78 -10.38
C LYS B 140 12.71 -7.82 -11.38
N GLU B 141 12.18 -9.03 -11.30
CA GLU B 141 12.54 -10.08 -12.25
C GLU B 141 12.16 -9.70 -13.67
N GLN B 142 11.04 -8.99 -13.86
CA GLN B 142 10.65 -8.65 -15.22
C GLN B 142 11.30 -7.37 -15.72
N ILE B 143 11.76 -6.49 -14.82
CA ILE B 143 12.59 -5.38 -15.26
C ILE B 143 13.95 -5.88 -15.73
N LEU B 144 14.50 -6.89 -15.04
CA LEU B 144 15.81 -7.42 -15.43
C LEU B 144 15.74 -8.23 -16.72
N GLU B 145 14.67 -9.01 -16.90
CA GLU B 145 14.60 -9.94 -18.03
C GLU B 145 13.58 -9.54 -19.09
N GLY B 146 12.92 -8.39 -18.94
CA GLY B 146 11.91 -7.97 -19.90
C GLY B 146 10.71 -8.91 -19.92
N GLY B 147 9.66 -8.52 -20.62
CA GLY B 147 8.47 -9.35 -20.67
C GLY B 147 7.48 -9.00 -19.59
N SER B 148 6.46 -9.86 -19.48
CA SER B 148 5.28 -9.53 -18.70
C SER B 148 5.26 -10.41 -17.46
N ALA B 149 5.03 -9.80 -16.29
CA ALA B 149 4.90 -10.60 -15.07
C ALA B 149 3.70 -11.53 -15.16
N PHE B 150 2.59 -11.03 -15.69
CA PHE B 150 1.41 -11.87 -15.89
C PHE B 150 1.71 -13.06 -16.79
N HIS B 151 2.32 -12.79 -17.96
CA HIS B 151 2.69 -13.88 -18.85
C HIS B 151 3.66 -14.83 -18.16
N LYS B 152 4.58 -14.29 -17.36
CA LYS B 152 5.52 -15.12 -16.61
C LYS B 152 4.80 -15.99 -15.59
N VAL B 153 3.82 -15.43 -14.87
CA VAL B 153 3.05 -16.24 -13.93
C VAL B 153 2.07 -17.14 -14.67
N HIS B 154 1.27 -16.57 -15.57
CA HIS B 154 0.30 -17.32 -16.36
C HIS B 154 0.79 -17.35 -17.79
N GLY B 155 1.31 -18.50 -18.21
CA GLY B 155 2.00 -18.63 -19.48
C GLY B 155 1.38 -18.06 -20.76
N ILE B 156 0.33 -17.24 -20.64
CA ILE B 156 -0.33 -16.61 -21.79
C ILE B 156 -0.47 -15.12 -21.49
N ASN B 157 -0.56 -14.32 -22.55
CA ASN B 157 -0.75 -12.89 -22.34
C ASN B 157 -2.14 -12.62 -21.76
N PHE B 158 -2.30 -11.42 -21.19
CA PHE B 158 -3.43 -11.07 -20.34
C PHE B 158 -4.79 -11.43 -20.93
N TYR B 159 -5.20 -10.71 -21.99
CA TYR B 159 -6.56 -10.87 -22.51
C TYR B 159 -6.80 -12.26 -23.09
N ASP B 160 -5.75 -12.93 -23.59
CA ASP B 160 -5.91 -14.30 -24.08
C ASP B 160 -6.11 -15.29 -22.94
N TYR B 161 -5.49 -15.03 -21.78
CA TYR B 161 -5.73 -15.88 -20.62
C TYR B 161 -7.17 -15.76 -20.14
N LEU B 162 -7.73 -14.55 -20.19
CA LEU B 162 -9.14 -14.33 -19.84
C LEU B 162 -10.09 -15.23 -20.64
N GLY B 163 -9.76 -15.51 -21.91
CA GLY B 163 -10.49 -16.48 -22.69
C GLY B 163 -10.26 -17.91 -22.29
N THR B 164 -9.45 -18.14 -21.26
CA THR B 164 -9.18 -19.47 -20.76
C THR B 164 -9.60 -19.67 -19.30
N ASP B 165 -9.82 -18.61 -18.55
CA ASP B 165 -10.19 -18.68 -17.14
C ASP B 165 -11.51 -17.94 -16.97
N SER B 166 -12.62 -18.69 -16.91
CA SER B 166 -13.93 -18.05 -16.83
C SER B 166 -14.14 -17.32 -15.51
N ARG B 167 -13.54 -17.80 -14.41
CA ARG B 167 -13.64 -17.08 -13.14
C ARG B 167 -12.95 -15.73 -13.22
N LEU B 168 -11.71 -15.70 -13.72
CA LEU B 168 -10.99 -14.44 -13.79
C LEU B 168 -11.59 -13.50 -14.84
N ASN B 169 -12.04 -14.05 -15.97
CA ASN B 169 -12.78 -13.24 -16.94
C ASN B 169 -13.92 -12.47 -16.29
N GLU B 170 -14.75 -13.17 -15.51
CA GLU B 170 -15.88 -12.50 -14.86
C GLU B 170 -15.40 -11.45 -13.86
N ALA B 171 -14.45 -11.82 -13.01
CA ALA B 171 -13.86 -10.87 -12.07
C ALA B 171 -13.39 -9.62 -12.79
N PHE B 172 -12.66 -9.80 -13.89
CA PHE B 172 -12.14 -8.63 -14.61
C PHE B 172 -13.27 -7.83 -15.24
N ASN B 173 -14.17 -8.50 -15.95
CA ASN B 173 -15.25 -7.77 -16.65
C ASN B 173 -16.10 -6.97 -15.67
N ILE B 174 -16.39 -7.54 -14.50
CA ILE B 174 -17.14 -6.80 -13.47
C ILE B 174 -16.32 -5.63 -12.95
N ALA B 175 -15.01 -5.82 -12.76
CA ALA B 175 -14.13 -4.71 -12.36
C ALA B 175 -14.21 -3.55 -13.34
N MET B 176 -14.11 -3.83 -14.64
CA MET B 176 -14.25 -2.75 -15.62
C MET B 176 -15.68 -2.19 -15.62
N PHE B 177 -16.69 -3.07 -15.60
CA PHE B 177 -18.08 -2.63 -15.50
C PHE B 177 -18.26 -1.63 -14.36
N SER B 178 -17.75 -1.96 -13.17
CA SER B 178 -17.92 -1.08 -12.02
C SER B 178 -17.25 0.26 -12.23
N GLN B 179 -16.02 0.26 -12.75
CA GLN B 179 -15.29 1.53 -12.86
C GLN B 179 -15.93 2.45 -13.88
N SER B 180 -16.35 1.90 -15.03
CA SER B 180 -16.96 2.72 -16.07
C SER B 180 -18.31 3.27 -15.64
N SER B 181 -19.12 2.47 -14.93
CA SER B 181 -20.36 3.00 -14.37
C SER B 181 -20.10 4.23 -13.51
N ILE B 182 -19.04 4.21 -12.70
CA ILE B 182 -18.76 5.33 -11.80
C ILE B 182 -18.49 6.60 -12.60
N VAL B 183 -17.62 6.51 -13.59
CA VAL B 183 -17.11 7.72 -14.24
C VAL B 183 -17.95 8.18 -15.43
N MET B 184 -18.66 7.26 -16.10
CA MET B 184 -19.33 7.61 -17.36
C MET B 184 -20.41 8.66 -17.17
N ASP B 185 -21.00 8.76 -15.99
CA ASP B 185 -21.99 9.81 -15.79
C ASP B 185 -21.33 11.19 -15.78
N LYS B 186 -20.13 11.28 -15.17
CA LYS B 186 -19.42 12.55 -15.11
C LYS B 186 -18.81 12.93 -16.46
N ILE B 187 -18.34 11.94 -17.22
CA ILE B 187 -17.82 12.20 -18.57
C ILE B 187 -18.92 12.79 -19.46
N ILE B 188 -20.03 12.07 -19.59
CA ILE B 188 -21.17 12.52 -20.38
C ILE B 188 -21.62 13.92 -19.95
N GLU B 189 -21.66 14.18 -18.64
CA GLU B 189 -22.07 15.50 -18.18
C GLU B 189 -21.10 16.59 -18.60
N SER B 190 -19.81 16.27 -18.74
CA SER B 190 -18.84 17.31 -19.08
C SER B 190 -18.56 17.37 -20.58
N TYR B 191 -18.71 16.26 -21.29
CA TYR B 191 -18.37 16.16 -22.70
C TYR B 191 -19.66 16.10 -23.51
N LYS B 192 -20.05 17.24 -24.08
CA LYS B 192 -21.20 17.37 -24.96
C LYS B 192 -20.88 17.06 -26.42
N GLY B 193 -19.89 16.20 -26.67
CA GLY B 193 -19.46 15.90 -28.02
C GLY B 193 -20.19 14.73 -28.65
N PHE B 194 -21.38 14.42 -28.15
CA PHE B 194 -22.18 13.33 -28.69
C PHE B 194 -23.36 13.82 -29.51
N ASP B 195 -23.62 15.11 -29.52
CA ASP B 195 -24.47 15.69 -30.56
C ASP B 195 -23.90 15.32 -31.92
N HIS B 196 -24.79 15.05 -32.88
CA HIS B 196 -24.50 14.68 -34.26
C HIS B 196 -24.30 13.19 -34.46
N VAL B 197 -23.72 12.49 -33.48
CA VAL B 197 -23.42 11.08 -33.68
C VAL B 197 -24.71 10.31 -33.90
N ASN B 198 -24.74 9.48 -34.95
CA ASN B 198 -25.86 8.61 -35.24
C ASN B 198 -25.54 7.16 -34.97
N GLN B 199 -24.46 6.64 -35.55
CA GLN B 199 -24.03 5.26 -35.35
C GLN B 199 -22.68 5.26 -34.66
N LEU B 200 -22.65 4.75 -33.42
CA LEU B 200 -21.46 4.76 -32.58
C LEU B 200 -20.93 3.34 -32.50
N VAL B 201 -19.66 3.16 -32.89
CA VAL B 201 -18.98 1.88 -32.78
C VAL B 201 -17.96 2.02 -31.67
N GLU B 202 -18.06 1.16 -30.66
CA GLU B 202 -17.13 1.15 -29.53
C GLU B 202 -16.34 -0.15 -29.57
N VAL B 203 -15.02 -0.03 -29.63
CA VAL B 203 -14.13 -1.18 -29.66
C VAL B 203 -13.57 -1.42 -28.26
N GLY B 204 -13.48 -2.68 -27.87
CA GLY B 204 -13.13 -3.03 -26.50
C GLY B 204 -14.10 -2.50 -25.46
N GLY B 205 -15.40 -2.54 -25.76
CA GLY B 205 -16.39 -1.93 -24.88
C GLY B 205 -16.71 -2.70 -23.61
N GLY B 206 -16.19 -3.91 -23.46
CA GLY B 206 -16.49 -4.71 -22.28
C GLY B 206 -17.91 -5.23 -22.32
N LEU B 207 -18.56 -5.25 -21.14
CA LEU B 207 -19.94 -5.73 -21.06
C LEU B 207 -20.94 -4.78 -21.71
N GLY B 208 -20.51 -3.58 -22.10
CA GLY B 208 -21.36 -2.66 -22.84
C GLY B 208 -22.07 -1.60 -22.05
N ILE B 209 -21.81 -1.49 -20.74
CA ILE B 209 -22.51 -0.48 -19.93
C ILE B 209 -22.14 0.92 -20.37
N THR B 210 -20.96 1.14 -20.95
CA THR B 210 -20.63 2.51 -21.33
C THR B 210 -21.42 2.95 -22.56
N LEU B 211 -21.60 2.05 -23.54
CA LEU B 211 -22.46 2.37 -24.68
C LEU B 211 -23.89 2.59 -24.23
N SER B 212 -24.43 1.63 -23.49
CA SER B 212 -25.77 1.79 -22.91
C SER B 212 -25.96 3.17 -22.29
N MET B 213 -25.01 3.59 -21.44
CA MET B 213 -25.14 4.88 -20.77
C MET B 213 -25.19 6.03 -21.75
N ILE B 214 -24.36 5.98 -22.80
CA ILE B 214 -24.39 7.05 -23.80
C ILE B 214 -25.73 7.06 -24.52
N ILE B 215 -26.20 5.88 -24.92
CA ILE B 215 -27.46 5.78 -25.64
C ILE B 215 -28.64 6.22 -24.77
N SER B 216 -28.52 6.11 -23.44
CA SER B 216 -29.63 6.51 -22.57
C SER B 216 -29.83 8.03 -22.57
N LYS B 217 -28.75 8.82 -22.63
CA LYS B 217 -28.92 10.26 -22.75
C LYS B 217 -29.11 10.70 -24.19
N TYR B 218 -28.65 9.89 -25.14
CA TYR B 218 -28.76 10.16 -26.58
C TYR B 218 -29.47 8.95 -27.16
N PRO B 219 -30.80 8.87 -27.01
CA PRO B 219 -31.52 7.68 -27.50
C PRO B 219 -31.48 7.52 -29.01
N HIS B 220 -31.23 8.60 -29.75
CA HIS B 220 -31.11 8.54 -31.21
C HIS B 220 -29.97 7.63 -31.65
N ILE B 221 -28.90 7.53 -30.86
CA ILE B 221 -27.70 6.83 -31.28
C ILE B 221 -27.95 5.32 -31.32
N LYS B 222 -27.55 4.70 -32.41
CA LYS B 222 -27.39 3.25 -32.48
C LYS B 222 -25.96 2.90 -32.11
N GLY B 223 -25.77 1.72 -31.55
CA GLY B 223 -24.49 1.41 -30.96
C GLY B 223 -24.03 0.01 -31.25
N ILE B 224 -22.76 -0.12 -31.62
CA ILE B 224 -22.12 -1.41 -31.83
C ILE B 224 -21.02 -1.56 -30.80
N ASN B 225 -20.92 -2.74 -30.21
CA ASN B 225 -19.94 -3.05 -29.16
C ASN B 225 -19.03 -4.14 -29.72
N LEU B 226 -17.99 -3.72 -30.43
CA LEU B 226 -17.02 -4.69 -30.96
C LEU B 226 -16.13 -5.15 -29.81
N GLU B 227 -15.98 -6.46 -29.67
CA GLU B 227 -15.40 -6.97 -28.44
C GLU B 227 -15.03 -8.43 -28.65
N LEU B 228 -14.17 -8.94 -27.78
CA LEU B 228 -13.75 -10.33 -27.85
C LEU B 228 -14.91 -11.25 -27.48
N PRO B 229 -15.04 -12.40 -28.15
CA PRO B 229 -16.19 -13.29 -27.88
C PRO B 229 -16.36 -13.66 -26.41
N HIS B 230 -15.30 -14.08 -25.72
CA HIS B 230 -15.44 -14.48 -24.32
C HIS B 230 -15.95 -13.35 -23.43
N VAL B 231 -15.91 -12.11 -23.89
CA VAL B 231 -16.45 -11.00 -23.10
C VAL B 231 -17.95 -10.84 -23.33
N ILE B 232 -18.38 -10.84 -24.59
CA ILE B 232 -19.79 -10.58 -24.88
C ILE B 232 -20.64 -11.85 -24.80
N GLN B 233 -20.00 -13.01 -24.58
CA GLN B 233 -20.69 -14.27 -24.38
C GLN B 233 -21.91 -14.12 -23.49
N ASP B 234 -21.69 -13.67 -22.26
CA ASP B 234 -22.74 -13.46 -21.28
C ASP B 234 -22.94 -11.98 -20.97
N ALA B 235 -22.74 -11.11 -21.96
CA ALA B 235 -22.95 -9.70 -21.74
C ALA B 235 -24.45 -9.40 -21.60
N PRO B 236 -24.82 -8.37 -20.85
CA PRO B 236 -26.22 -7.97 -20.75
C PRO B 236 -26.76 -7.52 -22.10
N SER B 237 -28.09 -7.44 -22.19
CA SER B 237 -28.80 -6.98 -23.37
C SER B 237 -29.23 -5.54 -23.14
N TYR B 238 -28.53 -4.61 -23.75
CA TYR B 238 -29.02 -3.25 -23.62
C TYR B 238 -29.75 -2.83 -24.89
N PRO B 239 -30.88 -2.14 -24.74
CA PRO B 239 -31.58 -1.62 -25.92
C PRO B 239 -30.69 -0.69 -26.75
N GLY B 240 -30.74 -0.87 -28.07
CA GLY B 240 -29.98 -0.04 -28.97
C GLY B 240 -28.51 -0.39 -29.05
N VAL B 241 -28.10 -1.49 -28.44
CA VAL B 241 -26.69 -1.91 -28.38
C VAL B 241 -26.58 -3.31 -28.95
N LYS B 242 -25.84 -3.44 -30.05
CA LYS B 242 -25.53 -4.73 -30.65
C LYS B 242 -24.14 -5.17 -30.24
N HIS B 243 -24.05 -6.32 -29.57
CA HIS B 243 -22.77 -6.92 -29.21
C HIS B 243 -22.23 -7.71 -30.40
N VAL B 244 -21.04 -7.35 -30.86
CA VAL B 244 -20.40 -7.98 -32.01
C VAL B 244 -19.11 -8.66 -31.56
N GLY B 245 -19.07 -9.98 -31.69
CA GLY B 245 -17.83 -10.71 -31.42
C GLY B 245 -16.83 -10.53 -32.56
N GLY B 246 -15.62 -10.08 -32.22
CA GLY B 246 -14.58 -9.96 -33.23
C GLY B 246 -13.18 -9.59 -32.76
N ASP B 247 -12.59 -8.62 -33.45
CA ASP B 247 -11.18 -8.24 -33.30
C ASP B 247 -10.94 -6.91 -34.00
N MET B 248 -10.67 -5.86 -33.22
CA MET B 248 -10.47 -4.53 -33.76
C MET B 248 -9.26 -4.41 -34.67
N PHE B 249 -8.37 -5.41 -34.67
CA PHE B 249 -7.20 -5.42 -35.53
C PHE B 249 -7.47 -6.10 -36.86
N GLU B 250 -8.57 -6.85 -36.96
CA GLU B 250 -9.04 -7.44 -38.20
C GLU B 250 -9.92 -6.46 -38.95
N ARG B 251 -10.96 -5.97 -38.30
CA ARG B 251 -11.95 -5.12 -38.95
C ARG B 251 -12.80 -4.44 -37.88
N ILE B 252 -13.08 -3.17 -38.08
CA ILE B 252 -13.99 -2.41 -37.23
C ILE B 252 -15.22 -2.07 -38.05
N PRO B 253 -16.42 -2.49 -37.64
CA PRO B 253 -17.64 -2.08 -38.34
C PRO B 253 -17.75 -0.58 -38.55
N GLU B 254 -18.41 -0.19 -39.64
CA GLU B 254 -18.53 1.20 -40.03
C GLU B 254 -19.49 1.95 -39.12
N GLY B 255 -19.15 3.20 -38.83
CA GLY B 255 -20.00 4.16 -38.15
C GLY B 255 -19.39 5.52 -38.33
N ASP B 256 -20.14 6.55 -37.98
CA ASP B 256 -19.60 7.90 -38.12
C ASP B 256 -18.69 8.30 -36.97
N THR B 257 -18.65 7.50 -35.90
CA THR B 257 -17.86 7.82 -34.72
C THR B 257 -17.40 6.50 -34.13
N ILE B 258 -16.13 6.46 -33.71
CA ILE B 258 -15.57 5.32 -33.04
C ILE B 258 -15.17 5.76 -31.64
N LEU B 259 -15.33 4.85 -30.68
CA LEU B 259 -15.12 5.16 -29.28
C LEU B 259 -14.23 4.11 -28.66
N MET B 260 -13.26 4.58 -27.88
CA MET B 260 -12.26 3.73 -27.23
C MET B 260 -12.08 4.24 -25.81
N LYS B 261 -12.29 3.38 -24.81
CA LYS B 261 -12.07 3.75 -23.42
C LYS B 261 -11.18 2.70 -22.78
N TRP B 262 -10.04 3.15 -22.23
CA TRP B 262 -9.09 2.24 -21.57
C TRP B 262 -8.64 1.12 -22.50
N VAL B 263 -8.54 1.42 -23.79
CA VAL B 263 -8.12 0.45 -24.79
C VAL B 263 -6.75 0.82 -25.38
N PHE B 264 -6.58 2.08 -25.73
CA PHE B 264 -5.40 2.55 -26.46
C PHE B 264 -4.12 2.39 -25.66
N ILE B 265 -4.17 2.68 -24.35
CA ILE B 265 -3.03 2.56 -23.46
C ILE B 265 -2.49 1.14 -23.38
N GLY B 266 -3.24 0.15 -23.87
CA GLY B 266 -2.81 -1.23 -23.82
C GLY B 266 -1.98 -1.71 -24.99
N PHE B 267 -1.56 -0.82 -25.90
CA PHE B 267 -0.90 -1.25 -27.13
C PHE B 267 0.33 -0.41 -27.42
N ASP B 268 1.31 -1.03 -28.06
CA ASP B 268 2.50 -0.31 -28.49
C ASP B 268 2.17 0.52 -29.74
N ASP B 269 3.17 1.28 -30.21
CA ASP B 269 2.93 2.23 -31.30
C ASP B 269 2.49 1.55 -32.59
N ASP B 270 3.05 0.38 -32.88
CA ASP B 270 2.69 -0.32 -34.11
C ASP B 270 1.25 -0.83 -34.04
N GLN B 271 0.86 -1.37 -32.89
CA GLN B 271 -0.51 -1.84 -32.70
C GLN B 271 -1.49 -0.68 -32.80
N CYS B 272 -1.11 0.49 -32.30
CA CYS B 272 -1.97 1.67 -32.39
C CYS B 272 -2.08 2.17 -33.83
N LEU B 273 -1.04 1.98 -34.64
CA LEU B 273 -1.13 2.44 -36.03
C LEU B 273 -2.04 1.53 -36.84
N ARG B 274 -1.90 0.23 -36.65
CA ARG B 274 -2.80 -0.73 -37.27
C ARG B 274 -4.25 -0.49 -36.83
N LEU B 275 -4.45 -0.21 -35.54
CA LEU B 275 -5.80 0.08 -35.02
C LEU B 275 -6.37 1.37 -35.61
N LEU B 276 -5.56 2.43 -35.67
CA LEU B 276 -6.03 3.71 -36.23
C LEU B 276 -6.22 3.64 -37.75
N ARG B 277 -5.49 2.76 -38.44
CA ARG B 277 -5.76 2.53 -39.85
C ARG B 277 -7.12 1.87 -40.04
N ASN B 278 -7.41 0.84 -39.24
CA ASN B 278 -8.73 0.21 -39.26
C ASN B 278 -9.83 1.22 -38.95
N CYS B 279 -9.59 2.12 -37.99
CA CYS B 279 -10.57 3.16 -37.69
C CYS B 279 -10.75 4.10 -38.88
N TYR B 280 -9.64 4.53 -39.48
CA TYR B 280 -9.71 5.44 -40.62
C TYR B 280 -10.57 4.86 -41.74
N ASN B 281 -10.42 3.56 -42.02
CA ASN B 281 -11.14 2.91 -43.10
C ASN B 281 -12.59 2.64 -42.79
N ALA B 282 -12.97 2.67 -41.51
CA ALA B 282 -14.34 2.39 -41.09
C ALA B 282 -15.18 3.64 -40.96
N LEU B 283 -14.60 4.79 -41.06
CA LEU B 283 -15.24 6.07 -40.83
C LEU B 283 -15.56 6.78 -42.14
N PRO B 284 -16.65 7.57 -42.14
CA PRO B 284 -16.92 8.46 -43.28
C PRO B 284 -15.89 9.56 -43.43
N VAL B 285 -16.07 10.35 -44.49
CA VAL B 285 -15.17 11.45 -44.83
C VAL B 285 -15.01 12.41 -43.66
N ASP B 286 -16.06 12.61 -42.87
CA ASP B 286 -16.02 13.48 -41.70
C ASP B 286 -16.12 12.69 -40.39
N GLY B 287 -15.66 11.44 -40.40
CA GLY B 287 -15.69 10.63 -39.19
C GLY B 287 -14.75 11.15 -38.12
N LYS B 288 -14.83 10.52 -36.94
CA LYS B 288 -13.95 10.91 -35.85
C LYS B 288 -13.79 9.73 -34.90
N VAL B 289 -12.61 9.67 -34.26
CA VAL B 289 -12.32 8.66 -33.25
C VAL B 289 -12.24 9.36 -31.91
N LEU B 290 -12.84 8.76 -30.88
CA LEU B 290 -12.83 9.30 -29.53
C LEU B 290 -12.06 8.32 -28.65
N VAL B 291 -10.99 8.79 -28.04
CA VAL B 291 -10.13 7.96 -27.20
C VAL B 291 -10.20 8.51 -25.78
N ILE B 292 -10.77 7.73 -24.87
CA ILE B 292 -10.95 8.13 -23.48
C ILE B 292 -9.86 7.45 -22.67
N ASP B 293 -9.00 8.25 -22.05
CA ASP B 293 -7.77 7.69 -21.50
C ASP B 293 -7.06 8.80 -20.73
N THR B 294 -6.34 8.40 -19.70
CA THR B 294 -5.45 9.35 -19.04
C THR B 294 -4.25 9.60 -19.94
N LEU B 295 -3.95 10.87 -20.17
CA LEU B 295 -2.70 11.24 -20.83
C LEU B 295 -1.53 11.09 -19.86
N LEU B 296 -0.34 10.88 -20.40
CA LEU B 296 0.89 10.89 -19.58
C LEU B 296 1.15 12.30 -19.08
N PRO B 297 1.25 12.53 -17.78
CA PRO B 297 1.56 13.88 -17.29
C PRO B 297 3.02 14.20 -17.58
N GLU B 298 3.31 15.48 -17.81
CA GLU B 298 4.70 15.80 -18.14
C GLU B 298 5.61 15.67 -16.92
N VAL B 299 5.12 16.01 -15.73
CA VAL B 299 5.87 15.74 -14.50
C VAL B 299 4.98 15.02 -13.48
N PRO B 300 5.48 13.99 -12.79
CA PRO B 300 4.74 13.49 -11.62
C PRO B 300 4.76 14.51 -10.51
N GLU B 301 3.65 14.59 -9.77
CA GLU B 301 3.52 15.53 -8.67
C GLU B 301 2.96 14.79 -7.46
N ASN B 302 2.87 15.50 -6.35
CA ASN B 302 2.30 14.90 -5.14
C ASN B 302 0.82 15.24 -5.11
N SER B 303 0.02 14.34 -5.68
CA SER B 303 -1.40 14.49 -5.81
C SER B 303 -1.98 13.10 -5.92
N SER B 304 -3.22 12.92 -5.43
CA SER B 304 -3.85 11.62 -5.62
C SER B 304 -4.11 11.35 -7.10
N ALA B 305 -4.27 12.41 -7.90
CA ALA B 305 -4.32 12.27 -9.35
C ALA B 305 -3.07 11.58 -9.89
N SER B 306 -1.89 12.14 -9.59
CA SER B 306 -0.65 11.54 -10.09
C SER B 306 -0.37 10.18 -9.47
N ARG B 307 -0.76 9.97 -8.21
CA ARG B 307 -0.60 8.63 -7.65
C ARG B 307 -1.51 7.62 -8.35
N GLU B 308 -2.75 8.03 -8.67
CA GLU B 308 -3.64 7.18 -9.44
C GLU B 308 -3.04 6.87 -10.81
N THR B 309 -2.58 7.91 -11.50
CA THR B 309 -1.93 7.73 -12.80
C THR B 309 -0.73 6.79 -12.71
N SER B 310 0.16 7.00 -11.72
CA SER B 310 1.31 6.11 -11.58
C SER B 310 0.89 4.70 -11.23
N ASN B 311 -0.12 4.54 -10.35
CA ASN B 311 -0.56 3.19 -10.04
C ASN B 311 -0.95 2.43 -11.30
N MET B 312 -1.58 3.14 -12.24
CA MET B 312 -2.00 2.49 -13.49
C MET B 312 -0.80 2.16 -14.37
N GLU B 313 0.15 3.08 -14.50
CA GLU B 313 1.37 2.78 -15.25
C GLU B 313 2.02 1.50 -14.79
N ALA B 314 2.04 1.26 -13.47
CA ALA B 314 2.64 0.04 -12.93
C ALA B 314 1.77 -1.19 -13.15
N ILE B 315 0.44 -1.05 -13.10
CA ILE B 315 -0.42 -2.17 -13.47
C ILE B 315 -0.23 -2.51 -14.94
N GLY B 316 -0.05 -1.49 -15.78
CA GLY B 316 0.33 -1.70 -17.17
C GLY B 316 1.59 -2.53 -17.34
N LEU B 317 2.68 -2.15 -16.63
CA LEU B 317 3.90 -2.95 -16.67
C LEU B 317 3.66 -4.41 -16.31
N THR B 318 2.75 -4.67 -15.37
CA THR B 318 2.58 -6.04 -14.88
C THR B 318 1.72 -6.88 -15.81
N LEU B 319 0.76 -6.27 -16.49
CA LEU B 319 -0.23 -7.01 -17.26
C LEU B 319 0.03 -6.99 -18.76
N VAL B 320 0.37 -5.82 -19.32
CA VAL B 320 0.68 -5.67 -20.74
C VAL B 320 1.83 -4.68 -20.91
N VAL B 321 3.08 -5.19 -20.93
CA VAL B 321 4.25 -4.32 -20.92
C VAL B 321 4.27 -3.39 -22.12
N GLN B 322 3.87 -3.89 -23.29
CA GLN B 322 3.98 -3.12 -24.54
C GLN B 322 3.20 -1.81 -24.49
N GLY B 323 2.16 -1.73 -23.67
CA GLY B 323 1.36 -0.52 -23.63
C GLY B 323 2.08 0.63 -22.95
N LYS B 324 1.45 1.81 -23.10
CA LYS B 324 2.04 3.02 -22.56
C LYS B 324 0.98 4.10 -22.53
N LEU B 325 1.07 4.96 -21.52
CA LEU B 325 0.40 6.24 -21.54
C LEU B 325 1.18 7.20 -22.42
N ARG B 326 0.48 8.10 -23.10
CA ARG B 326 1.11 8.91 -24.12
C ARG B 326 0.77 10.37 -23.90
N THR B 327 1.70 11.22 -24.33
CA THR B 327 1.56 12.64 -24.32
C THR B 327 0.71 13.09 -25.51
N LYS B 328 0.39 14.39 -25.53
CA LYS B 328 -0.33 14.94 -26.67
C LYS B 328 0.50 14.86 -27.94
N GLN B 329 1.81 15.10 -27.84
CA GLN B 329 2.66 15.05 -29.04
C GLN B 329 2.75 13.64 -29.59
N GLU B 330 2.78 12.64 -28.70
CA GLU B 330 2.84 11.27 -29.15
C GLU B 330 1.55 10.83 -29.82
N LEU B 331 0.41 11.33 -29.32
CA LEU B 331 -0.87 10.99 -29.93
C LEU B 331 -1.05 11.73 -31.25
N LYS B 332 -0.60 12.99 -31.29
CA LYS B 332 -0.54 13.76 -32.52
C LYS B 332 0.24 13.02 -33.60
N ALA B 333 1.41 12.49 -33.25
CA ALA B 333 2.22 11.80 -34.25
C ALA B 333 1.56 10.53 -34.74
N LEU B 334 0.83 9.82 -33.87
CA LEU B 334 0.15 8.60 -34.29
C LEU B 334 -1.05 8.91 -35.20
N ALA B 335 -1.75 10.01 -34.90
CA ALA B 335 -2.81 10.49 -35.77
C ALA B 335 -2.28 10.77 -37.17
N ILE B 336 -1.25 11.61 -37.28
CA ILE B 336 -0.69 12.00 -38.56
C ILE B 336 -0.23 10.77 -39.35
N GLU B 337 0.45 9.84 -38.68
CA GLU B 337 0.94 8.63 -39.34
C GLU B 337 -0.18 7.76 -39.87
N ALA B 338 -1.35 7.80 -39.21
CA ALA B 338 -2.48 6.97 -39.62
C ALA B 338 -3.35 7.66 -40.65
N GLY B 339 -3.11 8.94 -40.92
CA GLY B 339 -3.78 9.66 -41.98
C GLY B 339 -4.76 10.71 -41.52
N PHE B 340 -4.96 10.87 -40.22
CA PHE B 340 -5.97 11.79 -39.74
C PHE B 340 -5.52 13.23 -39.91
N LYS B 341 -6.50 14.12 -40.07
CA LYS B 341 -6.27 15.52 -40.43
C LYS B 341 -6.06 16.42 -39.21
N THR B 342 -6.93 16.31 -38.20
CA THR B 342 -6.92 17.20 -37.04
C THR B 342 -6.95 16.35 -35.78
N ILE B 343 -6.41 16.90 -34.69
CA ILE B 343 -6.41 16.26 -33.39
C ILE B 343 -6.88 17.30 -32.39
N ASN B 344 -7.57 16.85 -31.35
CA ASN B 344 -8.06 17.74 -30.30
C ASN B 344 -8.00 17.00 -28.98
N PHE B 345 -7.85 17.77 -27.91
CA PHE B 345 -7.79 17.22 -26.56
C PHE B 345 -8.74 18.02 -25.68
N GLU B 346 -9.67 17.32 -25.03
CA GLU B 346 -10.66 17.95 -24.15
C GLU B 346 -10.70 17.19 -22.82
N TYR B 347 -10.45 17.90 -21.72
CA TYR B 347 -10.50 17.24 -20.42
C TYR B 347 -11.95 17.05 -20.02
N CYS B 348 -12.33 15.82 -19.67
N CYS B 348 -12.31 15.84 -19.64
CA CYS B 348 -13.71 15.58 -19.25
CA CYS B 348 -13.68 15.54 -19.24
C CYS B 348 -13.81 15.55 -17.73
C CYS B 348 -13.81 15.55 -17.73
N ALA B 349 -13.47 14.43 -17.10
CA ALA B 349 -13.55 14.31 -15.66
C ALA B 349 -12.83 13.03 -15.25
N CYS B 350 -12.66 12.88 -13.94
CA CYS B 350 -12.18 11.63 -13.36
C CYS B 350 -10.79 11.26 -13.89
N ASN B 351 -9.95 12.28 -14.11
CA ASN B 351 -8.55 12.07 -14.50
C ASN B 351 -8.46 11.56 -15.94
N LEU B 352 -9.49 11.84 -16.74
CA LEU B 352 -9.63 11.30 -18.08
C LEU B 352 -9.70 12.42 -19.11
N TYR B 353 -9.18 12.13 -20.30
CA TYR B 353 -9.22 13.01 -21.46
C TYR B 353 -9.96 12.30 -22.58
N VAL B 354 -10.64 13.06 -23.43
CA VAL B 354 -11.07 12.59 -24.74
C VAL B 354 -10.09 13.11 -25.78
N THR B 355 -9.43 12.20 -26.46
CA THR B 355 -8.62 12.53 -27.63
C THR B 355 -9.45 12.29 -28.89
N GLU B 356 -9.64 13.32 -29.68
CA GLU B 356 -10.46 13.20 -30.88
C GLU B 356 -9.63 13.19 -32.14
N PHE B 357 -9.63 12.06 -32.85
CA PHE B 357 -8.88 11.94 -34.09
C PHE B 357 -9.81 12.28 -35.23
N TYR B 358 -9.55 13.38 -35.92
CA TYR B 358 -10.47 13.82 -36.97
C TYR B 358 -10.04 13.41 -38.37
N LYS B 359 -10.93 12.74 -39.09
CA LYS B 359 -10.64 12.32 -40.45
C LYS B 359 -11.25 13.30 -41.44
#